data_2EON
#
_entry.id   2EON
#
loop_
_entity.id
_entity.type
_entity.pdbx_description
1 polymer 'Zinc finger protein 95 homolog'
2 non-polymer 'ZINC ION'
#
_entity_poly.entity_id   1
_entity_poly.type   'polypeptide(L)'
_entity_poly.pdbx_seq_one_letter_code
;GSSGSSGTGEKPYKCQVCGKAFRVSSHLVQHHSVHSGERPSGPSSG
;
_entity_poly.pdbx_strand_id   A
#
loop_
_chem_comp.id
_chem_comp.type
_chem_comp.name
_chem_comp.formula
ZN non-polymer 'ZINC ION' 'Zn 2'
#
# COMPACT_ATOMS: atom_id res chain seq x y z
N GLY A 1 2.52 5.58 -2.63
CA GLY A 1 1.11 5.48 -2.29
C GLY A 1 0.26 6.47 -3.06
N SER A 2 -0.40 6.00 -4.12
CA SER A 2 -1.24 6.86 -4.94
C SER A 2 -2.44 6.07 -5.48
N SER A 3 -3.60 6.72 -5.50
CA SER A 3 -4.82 6.09 -5.98
C SER A 3 -5.75 7.12 -6.61
N GLY A 4 -6.48 6.69 -7.65
CA GLY A 4 -7.40 7.59 -8.32
C GLY A 4 -6.83 8.14 -9.62
N SER A 5 -5.70 8.84 -9.52
CA SER A 5 -5.06 9.41 -10.69
C SER A 5 -4.15 8.39 -11.37
N SER A 6 -3.40 7.65 -10.58
CA SER A 6 -2.50 6.63 -11.10
C SER A 6 -3.22 5.31 -11.33
N GLY A 7 -3.20 4.84 -12.57
CA GLY A 7 -3.86 3.58 -12.90
C GLY A 7 -5.37 3.74 -13.00
N THR A 8 -5.86 3.85 -14.23
CA THR A 8 -7.29 4.01 -14.46
C THR A 8 -8.05 2.75 -14.07
N GLY A 9 -7.32 1.66 -13.88
CA GLY A 9 -7.95 0.40 -13.51
C GLY A 9 -7.78 0.09 -12.03
N GLU A 10 -8.87 0.25 -11.28
CA GLU A 10 -8.84 -0.02 -9.84
C GLU A 10 -8.66 -1.51 -9.57
N LYS A 11 -7.66 -1.84 -8.76
CA LYS A 11 -7.37 -3.22 -8.42
C LYS A 11 -8.44 -3.78 -7.46
N PRO A 12 -8.65 -5.11 -7.52
CA PRO A 12 -9.63 -5.78 -6.67
C PRO A 12 -9.21 -5.80 -5.20
N TYR A 13 -7.90 -5.84 -4.96
CA TYR A 13 -7.38 -5.87 -3.61
C TYR A 13 -6.78 -4.51 -3.22
N LYS A 14 -7.00 -4.11 -1.98
CA LYS A 14 -6.49 -2.84 -1.49
C LYS A 14 -6.31 -2.87 0.03
N CYS A 15 -5.15 -2.40 0.50
CA CYS A 15 -4.86 -2.38 1.92
C CYS A 15 -5.92 -1.59 2.68
N GLN A 16 -5.77 -1.54 4.01
CA GLN A 16 -6.72 -0.81 4.85
C GLN A 16 -5.99 0.14 5.79
N VAL A 17 -4.77 -0.22 6.15
CA VAL A 17 -3.96 0.61 7.04
C VAL A 17 -3.40 1.82 6.31
N CYS A 18 -2.98 1.61 5.07
CA CYS A 18 -2.42 2.68 4.26
C CYS A 18 -3.30 2.98 3.06
N GLY A 19 -4.01 1.96 2.58
CA GLY A 19 -4.89 2.12 1.44
C GLY A 19 -4.22 1.75 0.13
N LYS A 20 -3.18 0.93 0.22
CA LYS A 20 -2.45 0.49 -0.97
C LYS A 20 -3.31 -0.40 -1.84
N ALA A 21 -2.80 -0.75 -3.02
CA ALA A 21 -3.53 -1.61 -3.96
C ALA A 21 -2.57 -2.46 -4.78
N PHE A 22 -2.95 -3.70 -5.02
CA PHE A 22 -2.13 -4.62 -5.79
C PHE A 22 -3.00 -5.57 -6.62
N ARG A 23 -3.02 -5.36 -7.93
CA ARG A 23 -3.82 -6.20 -8.82
C ARG A 23 -3.69 -7.67 -8.44
N VAL A 24 -2.57 -8.02 -7.81
CA VAL A 24 -2.33 -9.40 -7.38
C VAL A 24 -2.42 -9.53 -5.87
N SER A 25 -2.56 -10.76 -5.39
CA SER A 25 -2.65 -11.03 -3.96
C SER A 25 -1.26 -11.25 -3.36
N SER A 26 -0.41 -11.95 -4.09
CA SER A 26 0.95 -12.24 -3.63
C SER A 26 1.65 -10.95 -3.19
N HIS A 27 1.78 -10.00 -4.12
CA HIS A 27 2.43 -8.73 -3.83
C HIS A 27 1.81 -8.07 -2.61
N LEU A 28 0.50 -7.84 -2.67
CA LEU A 28 -0.22 -7.21 -1.56
C LEU A 28 0.21 -7.80 -0.23
N VAL A 29 0.41 -9.12 -0.20
CA VAL A 29 0.83 -9.81 1.01
C VAL A 29 2.19 -9.31 1.49
N GLN A 30 3.19 -9.42 0.63
CA GLN A 30 4.54 -8.98 0.96
C GLN A 30 4.53 -7.54 1.48
N HIS A 31 3.52 -6.78 1.07
CA HIS A 31 3.40 -5.38 1.49
C HIS A 31 2.76 -5.29 2.87
N HIS A 32 1.98 -6.31 3.23
CA HIS A 32 1.31 -6.34 4.53
C HIS A 32 2.32 -6.48 5.66
N SER A 33 3.59 -6.63 5.29
CA SER A 33 4.66 -6.77 6.27
C SER A 33 5.59 -5.55 6.27
N VAL A 34 5.21 -4.55 5.49
CA VAL A 34 5.99 -3.33 5.39
C VAL A 34 5.69 -2.38 6.54
N HIS A 35 4.43 -2.38 6.99
CA HIS A 35 4.01 -1.52 8.08
C HIS A 35 4.54 -2.03 9.42
N SER A 36 4.46 -3.34 9.62
CA SER A 36 4.92 -3.96 10.85
C SER A 36 6.24 -3.34 11.30
N GLY A 37 7.19 -3.24 10.38
CA GLY A 37 8.48 -2.66 10.70
C GLY A 37 8.47 -1.14 10.65
N GLU A 38 7.87 -0.52 11.65
CA GLU A 38 7.79 0.94 11.71
C GLU A 38 9.09 1.57 11.24
N ARG A 39 9.00 2.36 10.18
CA ARG A 39 10.17 3.03 9.62
C ARG A 39 10.20 4.51 10.04
N PRO A 40 11.42 5.07 10.12
CA PRO A 40 11.62 6.46 10.51
C PRO A 40 11.14 7.44 9.45
N SER A 41 9.89 7.85 9.55
CA SER A 41 9.30 8.78 8.59
C SER A 41 8.05 9.43 9.16
N GLY A 42 7.48 10.38 8.41
CA GLY A 42 6.28 11.06 8.85
C GLY A 42 6.59 12.29 9.67
N PRO A 43 5.63 12.71 10.50
CA PRO A 43 5.78 13.90 11.36
C PRO A 43 6.78 13.67 12.48
N SER A 44 7.15 12.42 12.71
CA SER A 44 8.10 12.07 13.75
C SER A 44 9.29 13.02 13.75
N SER A 45 9.80 13.34 14.93
CA SER A 45 10.93 14.25 15.07
C SER A 45 12.21 13.59 14.56
N GLY A 46 12.61 13.95 13.35
CA GLY A 46 13.81 13.39 12.76
C GLY A 46 13.71 13.22 11.26
ZN ZN B . -0.59 -1.16 3.55
N GLY A 1 4.64 20.01 -15.71
CA GLY A 1 5.73 19.64 -14.83
C GLY A 1 5.78 18.14 -14.57
N SER A 2 6.23 17.76 -13.37
CA SER A 2 6.33 16.35 -13.02
C SER A 2 4.94 15.73 -12.85
N SER A 3 4.52 14.97 -13.85
CA SER A 3 3.21 14.32 -13.82
C SER A 3 3.11 13.36 -12.64
N GLY A 4 1.89 13.13 -12.17
CA GLY A 4 1.68 12.24 -11.05
C GLY A 4 1.41 10.81 -11.50
N SER A 5 1.04 9.96 -10.54
CA SER A 5 0.76 8.56 -10.84
C SER A 5 -0.58 8.42 -11.58
N SER A 6 -0.86 7.22 -12.06
CA SER A 6 -2.09 6.95 -12.79
C SER A 6 -2.51 5.49 -12.62
N GLY A 7 -3.77 5.22 -12.94
CA GLY A 7 -4.29 3.86 -12.82
C GLY A 7 -5.80 3.80 -12.97
N THR A 8 -6.26 3.62 -14.19
CA THR A 8 -7.69 3.54 -14.47
C THR A 8 -8.28 2.21 -14.00
N GLY A 9 -7.58 1.12 -14.30
CA GLY A 9 -8.04 -0.19 -13.89
C GLY A 9 -7.97 -0.40 -12.39
N GLU A 10 -9.10 -0.23 -11.72
CA GLU A 10 -9.16 -0.40 -10.27
C GLU A 10 -8.80 -1.81 -9.87
N LYS A 11 -7.96 -1.94 -8.85
CA LYS A 11 -7.52 -3.25 -8.37
C LYS A 11 -8.54 -3.83 -7.39
N PRO A 12 -8.71 -5.15 -7.43
CA PRO A 12 -9.64 -5.86 -6.55
C PRO A 12 -9.19 -5.87 -5.10
N TYR A 13 -7.87 -5.83 -4.90
CA TYR A 13 -7.29 -5.82 -3.56
C TYR A 13 -6.74 -4.45 -3.20
N LYS A 14 -6.90 -4.07 -1.94
CA LYS A 14 -6.42 -2.78 -1.46
C LYS A 14 -6.24 -2.79 0.06
N CYS A 15 -5.07 -2.36 0.51
CA CYS A 15 -4.78 -2.32 1.94
C CYS A 15 -5.83 -1.50 2.69
N GLN A 16 -5.73 -1.49 4.01
CA GLN A 16 -6.67 -0.75 4.85
C GLN A 16 -5.94 0.21 5.77
N VAL A 17 -4.74 -0.19 6.20
CA VAL A 17 -3.93 0.63 7.09
C VAL A 17 -3.35 1.84 6.36
N CYS A 18 -2.86 1.60 5.15
CA CYS A 18 -2.28 2.67 4.35
C CYS A 18 -3.17 3.00 3.15
N GLY A 19 -3.84 1.99 2.62
CA GLY A 19 -4.73 2.18 1.48
C GLY A 19 -4.07 1.82 0.16
N LYS A 20 -3.05 0.98 0.23
CA LYS A 20 -2.33 0.54 -0.96
C LYS A 20 -3.22 -0.33 -1.84
N ALA A 21 -2.72 -0.70 -3.01
CA ALA A 21 -3.46 -1.54 -3.94
C ALA A 21 -2.51 -2.40 -4.77
N PHE A 22 -2.95 -3.63 -5.06
CA PHE A 22 -2.14 -4.56 -5.84
C PHE A 22 -3.03 -5.53 -6.61
N ARG A 23 -3.09 -5.35 -7.93
CA ARG A 23 -3.90 -6.21 -8.78
C ARG A 23 -3.70 -7.67 -8.42
N VAL A 24 -2.58 -7.97 -7.78
CA VAL A 24 -2.27 -9.34 -7.37
C VAL A 24 -2.34 -9.50 -5.86
N SER A 25 -2.54 -10.74 -5.41
CA SER A 25 -2.63 -11.03 -3.98
C SER A 25 -1.25 -11.25 -3.38
N SER A 26 -0.35 -11.81 -4.19
CA SER A 26 1.01 -12.09 -3.74
C SER A 26 1.70 -10.79 -3.27
N HIS A 27 1.83 -9.84 -4.19
CA HIS A 27 2.47 -8.57 -3.87
C HIS A 27 1.83 -7.94 -2.64
N LEU A 28 0.51 -7.74 -2.69
CA LEU A 28 -0.22 -7.13 -1.58
C LEU A 28 0.19 -7.77 -0.25
N VAL A 29 0.40 -9.09 -0.27
CA VAL A 29 0.79 -9.82 0.93
C VAL A 29 2.16 -9.34 1.43
N GLN A 30 3.18 -9.48 0.60
CA GLN A 30 4.53 -9.07 0.96
C GLN A 30 4.53 -7.63 1.46
N HIS A 31 3.53 -6.86 1.06
CA HIS A 31 3.42 -5.46 1.47
C HIS A 31 2.74 -5.35 2.83
N HIS A 32 1.96 -6.36 3.19
CA HIS A 32 1.25 -6.37 4.47
C HIS A 32 2.23 -6.49 5.63
N SER A 33 3.51 -6.64 5.30
CA SER A 33 4.55 -6.77 6.32
C SER A 33 5.48 -5.56 6.30
N VAL A 34 5.09 -4.53 5.56
CA VAL A 34 5.88 -3.32 5.46
C VAL A 34 5.52 -2.33 6.56
N HIS A 35 4.41 -2.59 7.24
CA HIS A 35 3.95 -1.72 8.32
C HIS A 35 4.43 -2.24 9.67
N SER A 36 4.22 -3.53 9.92
CA SER A 36 4.63 -4.14 11.17
C SER A 36 6.09 -3.87 11.46
N GLY A 37 6.42 -3.69 12.73
CA GLY A 37 7.80 -3.42 13.12
C GLY A 37 7.90 -2.50 14.31
N GLU A 38 8.09 -1.21 14.06
CA GLU A 38 8.20 -0.22 15.12
C GLU A 38 8.21 1.19 14.56
N ARG A 39 7.26 2.00 15.01
CA ARG A 39 7.15 3.38 14.53
C ARG A 39 8.42 4.15 14.84
N PRO A 40 8.85 5.00 13.88
CA PRO A 40 10.05 5.82 14.02
C PRO A 40 9.89 6.93 15.06
N SER A 41 8.68 7.06 15.58
CA SER A 41 8.39 8.07 16.59
C SER A 41 9.43 8.06 17.70
N GLY A 42 9.41 9.09 18.54
CA GLY A 42 10.35 9.16 19.65
C GLY A 42 11.80 9.20 19.17
N PRO A 43 12.16 10.29 18.47
CA PRO A 43 13.53 10.46 17.95
C PRO A 43 14.54 10.71 19.05
N SER A 44 15.76 10.22 18.85
CA SER A 44 16.83 10.39 19.83
C SER A 44 16.84 11.81 20.38
N SER A 45 16.49 11.94 21.66
CA SER A 45 16.46 13.25 22.31
C SER A 45 17.59 13.37 23.32
N GLY A 46 18.45 14.37 23.10
CA GLY A 46 19.57 14.58 24.00
C GLY A 46 20.65 15.45 23.39
ZN ZN B . -0.48 -1.20 3.51
N GLY A 1 1.20 22.16 -14.10
CA GLY A 1 1.33 20.82 -14.62
C GLY A 1 1.06 19.76 -13.57
N SER A 2 0.89 18.52 -14.01
CA SER A 2 0.62 17.42 -13.10
C SER A 2 0.64 16.08 -13.84
N SER A 3 0.60 14.99 -13.08
CA SER A 3 0.63 13.65 -13.67
C SER A 3 -0.64 12.89 -13.31
N GLY A 4 -1.23 12.22 -14.30
CA GLY A 4 -2.44 11.47 -14.07
C GLY A 4 -2.24 9.98 -14.30
N SER A 5 -3.19 9.36 -15.00
CA SER A 5 -3.12 7.93 -15.28
C SER A 5 -3.04 7.12 -13.99
N SER A 6 -3.86 7.50 -13.01
CA SER A 6 -3.88 6.82 -11.72
C SER A 6 -5.20 6.07 -11.52
N GLY A 7 -5.66 5.41 -12.57
CA GLY A 7 -6.91 4.67 -12.49
C GLY A 7 -7.02 3.60 -13.56
N THR A 8 -7.99 3.74 -14.45
CA THR A 8 -8.19 2.78 -15.53
C THR A 8 -7.77 1.37 -15.10
N GLY A 9 -8.28 0.94 -13.94
CA GLY A 9 -7.95 -0.37 -13.44
C GLY A 9 -7.89 -0.42 -11.92
N GLU A 10 -9.03 -0.21 -11.28
CA GLU A 10 -9.10 -0.22 -9.83
C GLU A 10 -8.88 -1.62 -9.27
N LYS A 11 -7.63 -1.96 -8.99
CA LYS A 11 -7.28 -3.27 -8.46
C LYS A 11 -8.37 -3.79 -7.52
N PRO A 12 -8.62 -5.10 -7.57
CA PRO A 12 -9.63 -5.74 -6.72
C PRO A 12 -9.24 -5.77 -5.25
N TYR A 13 -7.92 -5.78 -5.01
CA TYR A 13 -7.41 -5.81 -3.64
C TYR A 13 -6.83 -4.46 -3.24
N LYS A 14 -7.01 -4.09 -1.98
CA LYS A 14 -6.50 -2.82 -1.48
C LYS A 14 -6.30 -2.88 0.04
N CYS A 15 -5.16 -2.38 0.49
CA CYS A 15 -4.84 -2.37 1.91
C CYS A 15 -5.89 -1.58 2.71
N GLN A 16 -5.73 -1.56 4.03
CA GLN A 16 -6.67 -0.84 4.89
C GLN A 16 -5.91 0.09 5.83
N VAL A 17 -4.69 -0.28 6.17
CA VAL A 17 -3.87 0.53 7.07
C VAL A 17 -3.31 1.76 6.34
N CYS A 18 -2.88 1.56 5.11
CA CYS A 18 -2.32 2.65 4.31
C CYS A 18 -3.23 2.98 3.13
N GLY A 19 -3.92 1.96 2.61
CA GLY A 19 -4.81 2.16 1.49
C GLY A 19 -4.16 1.82 0.16
N LYS A 20 -3.16 0.95 0.20
CA LYS A 20 -2.46 0.54 -1.00
C LYS A 20 -3.34 -0.36 -1.87
N ALA A 21 -2.80 -0.76 -3.02
CA ALA A 21 -3.54 -1.63 -3.93
C ALA A 21 -2.59 -2.43 -4.82
N PHE A 22 -2.91 -3.71 -5.01
CA PHE A 22 -2.08 -4.59 -5.82
C PHE A 22 -2.94 -5.55 -6.64
N ARG A 23 -3.01 -5.32 -7.94
CA ARG A 23 -3.80 -6.17 -8.83
C ARG A 23 -3.64 -7.65 -8.46
N VAL A 24 -2.52 -7.97 -7.81
CA VAL A 24 -2.25 -9.34 -7.40
C VAL A 24 -2.40 -9.50 -5.89
N SER A 25 -2.57 -10.74 -5.45
CA SER A 25 -2.73 -11.03 -4.03
C SER A 25 -1.37 -11.17 -3.34
N SER A 26 -0.45 -11.88 -4.00
CA SER A 26 0.89 -12.09 -3.45
C SER A 26 1.53 -10.76 -3.08
N HIS A 27 1.93 -9.99 -4.10
CA HIS A 27 2.56 -8.70 -3.89
C HIS A 27 1.93 -7.98 -2.68
N LEU A 28 0.61 -7.84 -2.71
CA LEU A 28 -0.10 -7.17 -1.62
C LEU A 28 0.26 -7.79 -0.28
N VAL A 29 0.39 -9.12 -0.26
CA VAL A 29 0.73 -9.84 0.96
C VAL A 29 2.09 -9.40 1.50
N GLN A 30 3.10 -9.44 0.65
CA GLN A 30 4.45 -9.05 1.04
C GLN A 30 4.47 -7.60 1.54
N HIS A 31 3.51 -6.81 1.07
CA HIS A 31 3.43 -5.40 1.47
C HIS A 31 2.76 -5.28 2.83
N HIS A 32 1.96 -6.27 3.19
CA HIS A 32 1.26 -6.26 4.47
C HIS A 32 2.24 -6.42 5.63
N SER A 33 3.52 -6.60 5.30
CA SER A 33 4.56 -6.77 6.30
C SER A 33 5.53 -5.58 6.30
N VAL A 34 5.17 -4.55 5.53
CA VAL A 34 6.01 -3.36 5.44
C VAL A 34 5.66 -2.36 6.53
N HIS A 35 4.43 -2.43 7.04
CA HIS A 35 3.98 -1.53 8.08
C HIS A 35 4.46 -2.01 9.46
N SER A 36 4.15 -3.26 9.79
CA SER A 36 4.56 -3.83 11.08
C SER A 36 6.06 -4.06 11.11
N GLY A 37 6.78 -3.15 11.76
CA GLY A 37 8.23 -3.28 11.84
C GLY A 37 8.95 -2.03 11.39
N GLU A 38 9.95 -2.21 10.53
CA GLU A 38 10.73 -1.09 10.02
C GLU A 38 10.73 -1.07 8.50
N ARG A 39 11.05 0.07 7.92
CA ARG A 39 11.08 0.22 6.47
C ARG A 39 12.11 1.29 6.06
N PRO A 40 12.64 1.14 4.83
CA PRO A 40 13.64 2.07 4.29
C PRO A 40 13.03 3.44 3.98
N SER A 41 11.74 3.59 4.26
CA SER A 41 11.04 4.85 4.01
C SER A 41 11.96 6.04 4.22
N GLY A 42 12.04 6.91 3.22
CA GLY A 42 12.89 8.09 3.32
C GLY A 42 14.34 7.73 3.64
N PRO A 43 15.24 8.71 3.49
CA PRO A 43 16.66 8.52 3.75
C PRO A 43 16.97 8.34 5.23
N SER A 44 18.25 8.30 5.57
CA SER A 44 18.67 8.13 6.96
C SER A 44 19.86 9.02 7.28
N SER A 45 20.29 9.00 8.54
CA SER A 45 21.41 9.81 8.98
C SER A 45 22.73 9.04 8.84
N GLY A 46 22.86 8.30 7.74
CA GLY A 46 24.07 7.54 7.52
C GLY A 46 24.05 6.82 6.18
ZN ZN B . -0.55 -1.21 3.48
N GLY A 1 10.55 17.58 -12.65
CA GLY A 1 9.26 16.92 -12.49
C GLY A 1 9.38 15.43 -12.30
N SER A 2 8.30 14.80 -11.86
CA SER A 2 8.29 13.36 -11.63
C SER A 2 7.38 12.65 -12.62
N SER A 3 7.60 11.35 -12.79
CA SER A 3 6.78 10.56 -13.72
C SER A 3 6.41 9.22 -13.09
N GLY A 4 5.11 8.99 -12.94
CA GLY A 4 4.64 7.75 -12.35
C GLY A 4 3.21 7.85 -11.86
N SER A 5 2.35 8.46 -12.66
CA SER A 5 0.95 8.63 -12.29
C SER A 5 0.03 8.05 -13.38
N SER A 6 -0.70 7.00 -13.02
CA SER A 6 -1.61 6.35 -13.96
C SER A 6 -2.60 5.45 -13.22
N GLY A 7 -3.68 5.10 -13.90
CA GLY A 7 -4.68 4.24 -13.30
C GLY A 7 -5.63 3.64 -14.33
N THR A 8 -5.17 2.60 -15.02
CA THR A 8 -5.98 1.94 -16.04
C THR A 8 -6.91 0.92 -15.41
N GLY A 9 -7.53 1.29 -14.29
CA GLY A 9 -8.44 0.38 -13.62
C GLY A 9 -8.12 0.22 -12.14
N GLU A 10 -9.15 0.14 -11.31
CA GLU A 10 -8.97 0.00 -9.88
C GLU A 10 -8.79 -1.47 -9.50
N LYS A 11 -7.67 -1.79 -8.87
CA LYS A 11 -7.37 -3.16 -8.46
C LYS A 11 -8.39 -3.64 -7.44
N PRO A 12 -8.64 -4.96 -7.43
CA PRO A 12 -9.59 -5.57 -6.50
C PRO A 12 -9.08 -5.57 -5.06
N TYR A 13 -7.81 -5.89 -4.89
CA TYR A 13 -7.19 -5.91 -3.56
C TYR A 13 -6.66 -4.54 -3.18
N LYS A 14 -6.85 -4.16 -1.93
CA LYS A 14 -6.38 -2.86 -1.43
C LYS A 14 -6.18 -2.91 0.08
N CYS A 15 -5.05 -2.37 0.53
CA CYS A 15 -4.74 -2.34 1.96
C CYS A 15 -5.81 -1.56 2.73
N GLN A 16 -5.73 -1.60 4.06
CA GLN A 16 -6.69 -0.91 4.91
C GLN A 16 -5.96 0.04 5.87
N VAL A 17 -4.69 -0.21 6.09
CA VAL A 17 -3.89 0.63 6.99
C VAL A 17 -3.33 1.84 6.25
N CYS A 18 -2.88 1.62 5.01
CA CYS A 18 -2.33 2.69 4.20
C CYS A 18 -3.22 2.99 3.01
N GLY A 19 -3.94 1.98 2.54
CA GLY A 19 -4.85 2.16 1.41
C GLY A 19 -4.19 1.79 0.10
N LYS A 20 -3.15 0.97 0.16
CA LYS A 20 -2.43 0.54 -1.04
C LYS A 20 -3.32 -0.33 -1.92
N ALA A 21 -2.80 -0.74 -3.06
CA ALA A 21 -3.55 -1.58 -3.99
C ALA A 21 -2.62 -2.47 -4.81
N PHE A 22 -3.05 -3.69 -5.08
CA PHE A 22 -2.25 -4.63 -5.85
C PHE A 22 -3.15 -5.60 -6.62
N ARG A 23 -3.08 -5.53 -7.94
CA ARG A 23 -3.88 -6.40 -8.80
C ARG A 23 -3.68 -7.86 -8.44
N VAL A 24 -2.57 -8.15 -7.77
CA VAL A 24 -2.25 -9.52 -7.36
C VAL A 24 -2.26 -9.65 -5.84
N SER A 25 -2.61 -10.84 -5.36
CA SER A 25 -2.66 -11.10 -3.93
C SER A 25 -1.25 -11.13 -3.33
N SER A 26 -0.39 -11.95 -3.92
CA SER A 26 0.98 -12.08 -3.45
C SER A 26 1.57 -10.71 -3.13
N HIS A 27 1.89 -9.95 -4.17
CA HIS A 27 2.46 -8.62 -4.01
C HIS A 27 1.87 -7.92 -2.77
N LEU A 28 0.56 -7.85 -2.70
CA LEU A 28 -0.12 -7.22 -1.58
C LEU A 28 0.29 -7.87 -0.26
N VAL A 29 0.42 -9.19 -0.27
CA VAL A 29 0.81 -9.94 0.93
C VAL A 29 2.16 -9.48 1.43
N GLN A 30 3.15 -9.44 0.54
CA GLN A 30 4.50 -9.03 0.90
C GLN A 30 4.50 -7.59 1.42
N HIS A 31 3.53 -6.81 0.97
CA HIS A 31 3.42 -5.42 1.39
C HIS A 31 2.73 -5.31 2.76
N HIS A 32 2.00 -6.35 3.12
CA HIS A 32 1.29 -6.38 4.40
C HIS A 32 2.27 -6.49 5.56
N SER A 33 3.56 -6.56 5.23
CA SER A 33 4.60 -6.68 6.25
C SER A 33 5.49 -5.43 6.27
N VAL A 34 5.06 -4.40 5.55
CA VAL A 34 5.82 -3.15 5.48
C VAL A 34 5.45 -2.23 6.63
N HIS A 35 4.31 -2.47 7.24
CA HIS A 35 3.84 -1.66 8.37
C HIS A 35 4.21 -2.32 9.69
N SER A 36 5.29 -3.09 9.69
CA SER A 36 5.75 -3.77 10.90
C SER A 36 6.58 -2.83 11.77
N GLY A 37 6.99 -3.33 12.93
CA GLY A 37 7.78 -2.53 13.85
C GLY A 37 9.25 -2.91 13.83
N GLU A 38 10.11 -1.90 13.78
CA GLU A 38 11.55 -2.13 13.75
C GLU A 38 12.25 -1.33 14.86
N ARG A 39 11.46 -0.67 15.69
CA ARG A 39 12.00 0.13 16.79
C ARG A 39 11.08 0.06 18.01
N PRO A 40 11.66 0.29 19.20
CA PRO A 40 10.92 0.27 20.46
C PRO A 40 9.98 1.45 20.60
N SER A 41 9.22 1.48 21.69
CA SER A 41 8.27 2.56 21.95
C SER A 41 7.46 2.86 20.69
N GLY A 42 7.08 1.81 19.97
CA GLY A 42 6.30 1.98 18.76
C GLY A 42 7.15 2.38 17.57
N PRO A 43 6.57 2.28 16.36
CA PRO A 43 7.27 2.63 15.12
C PRO A 43 7.51 4.13 14.99
N SER A 44 8.32 4.52 14.02
CA SER A 44 8.64 5.92 13.79
C SER A 44 7.49 6.63 13.08
N SER A 45 7.13 7.81 13.56
CA SER A 45 6.05 8.59 12.97
C SER A 45 6.02 10.00 13.55
N GLY A 46 5.13 10.83 13.02
CA GLY A 46 5.00 12.19 13.50
C GLY A 46 6.10 13.09 12.95
ZN ZN B . -0.43 -1.16 3.46
N GLY A 1 -1.77 16.94 -5.02
CA GLY A 1 -1.35 16.04 -6.08
C GLY A 1 -2.34 16.01 -7.22
N SER A 2 -2.29 14.94 -8.02
CA SER A 2 -3.18 14.81 -9.17
C SER A 2 -4.28 13.79 -8.88
N SER A 3 -5.47 14.29 -8.54
CA SER A 3 -6.60 13.42 -8.23
C SER A 3 -7.60 13.41 -9.38
N GLY A 4 -8.36 12.32 -9.50
CA GLY A 4 -9.34 12.21 -10.55
C GLY A 4 -9.68 10.77 -10.88
N SER A 5 -10.76 10.57 -11.64
CA SER A 5 -11.18 9.23 -12.02
C SER A 5 -10.70 8.88 -13.41
N SER A 6 -9.50 8.31 -13.49
CA SER A 6 -8.92 7.93 -14.77
C SER A 6 -8.21 6.58 -14.67
N GLY A 7 -8.32 5.78 -15.72
CA GLY A 7 -7.68 4.47 -15.73
C GLY A 7 -8.56 3.40 -16.34
N THR A 8 -8.09 2.16 -16.32
CA THR A 8 -8.84 1.05 -16.87
C THR A 8 -9.74 0.40 -15.82
N GLY A 9 -9.19 0.25 -14.61
CA GLY A 9 -9.96 -0.35 -13.53
C GLY A 9 -9.15 -0.45 -12.24
N GLU A 10 -9.76 -0.03 -11.14
CA GLU A 10 -9.10 -0.08 -9.84
C GLU A 10 -8.87 -1.52 -9.40
N LYS A 11 -7.66 -1.80 -8.93
CA LYS A 11 -7.30 -3.14 -8.47
C LYS A 11 -8.36 -3.70 -7.51
N PRO A 12 -8.58 -5.01 -7.58
CA PRO A 12 -9.57 -5.69 -6.72
C PRO A 12 -9.13 -5.72 -5.26
N TYR A 13 -7.82 -5.73 -5.03
CA TYR A 13 -7.28 -5.76 -3.68
C TYR A 13 -6.73 -4.41 -3.28
N LYS A 14 -6.93 -4.03 -2.02
CA LYS A 14 -6.45 -2.76 -1.51
C LYS A 14 -6.29 -2.80 0.01
N CYS A 15 -5.12 -2.37 0.48
CA CYS A 15 -4.85 -2.36 1.91
C CYS A 15 -5.90 -1.57 2.67
N GLN A 16 -5.80 -1.58 4.00
CA GLN A 16 -6.75 -0.85 4.84
C GLN A 16 -6.03 0.09 5.79
N VAL A 17 -4.79 -0.26 6.13
CA VAL A 17 -3.99 0.56 7.03
C VAL A 17 -3.39 1.76 6.31
N CYS A 18 -2.93 1.54 5.08
CA CYS A 18 -2.34 2.61 4.29
C CYS A 18 -3.22 2.93 3.08
N GLY A 19 -3.93 1.93 2.58
CA GLY A 19 -4.80 2.14 1.44
C GLY A 19 -4.13 1.80 0.12
N LYS A 20 -3.13 0.92 0.18
CA LYS A 20 -2.40 0.52 -1.01
C LYS A 20 -3.27 -0.35 -1.92
N ALA A 21 -2.72 -0.73 -3.07
CA ALA A 21 -3.45 -1.55 -4.03
C ALA A 21 -2.50 -2.46 -4.80
N PHE A 22 -2.95 -3.68 -5.07
CA PHE A 22 -2.13 -4.64 -5.82
C PHE A 22 -3.01 -5.60 -6.61
N ARG A 23 -2.99 -5.44 -7.94
CA ARG A 23 -3.79 -6.28 -8.82
C ARG A 23 -3.62 -7.75 -8.46
N VAL A 24 -2.54 -8.06 -7.75
CA VAL A 24 -2.26 -9.43 -7.35
C VAL A 24 -2.37 -9.60 -5.83
N SER A 25 -2.60 -10.82 -5.38
CA SER A 25 -2.74 -11.10 -3.96
C SER A 25 -1.36 -11.21 -3.30
N SER A 26 -0.45 -11.89 -3.97
CA SER A 26 0.91 -12.07 -3.45
C SER A 26 1.53 -10.72 -3.10
N HIS A 27 1.87 -9.94 -4.13
CA HIS A 27 2.48 -8.63 -3.93
C HIS A 27 1.88 -7.94 -2.72
N LEU A 28 0.55 -7.88 -2.67
CA LEU A 28 -0.15 -7.23 -1.56
C LEU A 28 0.26 -7.86 -0.23
N VAL A 29 0.44 -9.18 -0.22
CA VAL A 29 0.83 -9.89 0.98
C VAL A 29 2.18 -9.39 1.51
N GLN A 30 3.21 -9.49 0.68
CA GLN A 30 4.54 -9.05 1.06
C GLN A 30 4.51 -7.60 1.54
N HIS A 31 3.51 -6.85 1.08
CA HIS A 31 3.38 -5.44 1.46
C HIS A 31 2.73 -5.32 2.84
N HIS A 32 1.98 -6.34 3.24
CA HIS A 32 1.30 -6.34 4.53
C HIS A 32 2.32 -6.45 5.67
N SER A 33 3.59 -6.60 5.30
CA SER A 33 4.66 -6.73 6.29
C SER A 33 5.56 -5.50 6.28
N VAL A 34 5.17 -4.50 5.50
CA VAL A 34 5.95 -3.27 5.40
C VAL A 34 5.60 -2.30 6.52
N HIS A 35 4.42 -2.49 7.10
CA HIS A 35 3.97 -1.62 8.19
C HIS A 35 4.49 -2.13 9.53
N SER A 36 4.48 -3.44 9.72
CA SER A 36 4.94 -4.05 10.95
C SER A 36 6.20 -3.33 11.47
N GLY A 37 7.23 -3.28 10.64
CA GLY A 37 8.46 -2.62 11.02
C GLY A 37 9.44 -2.50 9.87
N GLU A 38 9.03 -1.76 8.83
CA GLU A 38 9.88 -1.57 7.66
C GLU A 38 10.00 -0.09 7.32
N ARG A 39 10.96 0.58 7.94
CA ARG A 39 11.18 2.00 7.71
C ARG A 39 12.48 2.22 6.93
N PRO A 40 12.45 3.20 6.00
CA PRO A 40 13.62 3.54 5.18
C PRO A 40 14.73 4.20 5.99
N SER A 41 14.38 4.70 7.17
CA SER A 41 15.35 5.36 8.04
C SER A 41 16.19 4.33 8.79
N GLY A 42 17.39 4.75 9.21
CA GLY A 42 18.27 3.86 9.92
C GLY A 42 19.24 4.61 10.82
N PRO A 43 20.43 4.01 11.04
CA PRO A 43 21.46 4.61 11.89
C PRO A 43 22.09 5.84 11.26
N SER A 44 22.01 6.97 11.95
CA SER A 44 22.57 8.22 11.45
C SER A 44 23.86 8.56 12.19
N SER A 45 23.85 8.41 13.51
CA SER A 45 25.03 8.72 14.32
C SER A 45 26.30 8.29 13.60
N GLY A 46 27.04 9.28 13.10
CA GLY A 46 28.28 9.00 12.41
C GLY A 46 29.09 10.25 12.11
ZN ZN B . -0.54 -1.28 3.53
N GLY A 1 -4.75 21.85 -6.89
CA GLY A 1 -5.42 20.57 -6.77
C GLY A 1 -4.47 19.45 -6.40
N SER A 2 -4.73 18.26 -6.92
CA SER A 2 -3.89 17.10 -6.63
C SER A 2 -3.62 16.30 -7.91
N SER A 3 -2.35 15.95 -8.11
CA SER A 3 -1.95 15.19 -9.30
C SER A 3 -0.97 14.09 -8.92
N GLY A 4 -0.60 13.27 -9.90
CA GLY A 4 0.33 12.19 -9.66
C GLY A 4 -0.36 10.83 -9.61
N SER A 5 -1.49 10.77 -8.93
CA SER A 5 -2.25 9.53 -8.81
C SER A 5 -2.54 8.93 -10.18
N SER A 6 -1.75 7.93 -10.56
CA SER A 6 -1.92 7.27 -11.85
C SER A 6 -2.62 5.92 -11.69
N GLY A 7 -3.03 5.34 -12.81
CA GLY A 7 -3.71 4.05 -12.76
C GLY A 7 -4.77 3.92 -13.85
N THR A 8 -4.75 2.79 -14.55
CA THR A 8 -5.71 2.55 -15.61
C THR A 8 -7.04 2.04 -15.05
N GLY A 9 -6.95 1.13 -14.08
CA GLY A 9 -8.15 0.59 -13.47
C GLY A 9 -7.97 0.27 -12.00
N GLU A 10 -9.04 0.36 -11.23
CA GLU A 10 -9.00 0.09 -9.80
C GLU A 10 -8.78 -1.40 -9.54
N LYS A 11 -7.76 -1.71 -8.76
CA LYS A 11 -7.45 -3.10 -8.44
C LYS A 11 -8.50 -3.69 -7.51
N PRO A 12 -8.69 -5.02 -7.58
CA PRO A 12 -9.67 -5.73 -6.75
C PRO A 12 -9.26 -5.76 -5.27
N TYR A 13 -7.96 -5.79 -5.03
CA TYR A 13 -7.44 -5.83 -3.67
C TYR A 13 -6.86 -4.48 -3.26
N LYS A 14 -7.04 -4.11 -2.00
CA LYS A 14 -6.54 -2.85 -1.49
C LYS A 14 -6.31 -2.92 0.01
N CYS A 15 -5.17 -2.40 0.46
CA CYS A 15 -4.82 -2.40 1.87
C CYS A 15 -5.86 -1.62 2.69
N GLN A 16 -5.66 -1.59 4.00
CA GLN A 16 -6.58 -0.89 4.89
C GLN A 16 -5.82 0.06 5.81
N VAL A 17 -4.58 -0.29 6.14
CA VAL A 17 -3.76 0.53 7.02
C VAL A 17 -3.23 1.75 6.27
N CYS A 18 -2.83 1.55 5.02
CA CYS A 18 -2.30 2.64 4.21
C CYS A 18 -3.23 2.94 3.04
N GLY A 19 -3.95 1.92 2.59
CA GLY A 19 -4.86 2.09 1.46
C GLY A 19 -4.23 1.75 0.13
N LYS A 20 -3.19 0.91 0.17
CA LYS A 20 -2.49 0.51 -1.04
C LYS A 20 -3.36 -0.40 -1.90
N ALA A 21 -2.86 -0.78 -3.06
CA ALA A 21 -3.59 -1.65 -3.97
C ALA A 21 -2.64 -2.47 -4.83
N PHE A 22 -2.96 -3.74 -5.02
CA PHE A 22 -2.13 -4.64 -5.83
C PHE A 22 -3.00 -5.59 -6.65
N ARG A 23 -3.00 -5.38 -7.97
CA ARG A 23 -3.79 -6.21 -8.87
C ARG A 23 -3.67 -7.69 -8.49
N VAL A 24 -2.58 -8.03 -7.79
CA VAL A 24 -2.34 -9.40 -7.38
C VAL A 24 -2.45 -9.54 -5.86
N SER A 25 -2.53 -10.78 -5.38
CA SER A 25 -2.63 -11.04 -3.96
C SER A 25 -1.26 -11.31 -3.35
N SER A 26 -0.43 -12.05 -4.08
CA SER A 26 0.91 -12.37 -3.60
C SER A 26 1.66 -11.11 -3.17
N HIS A 27 1.79 -10.16 -4.09
CA HIS A 27 2.47 -8.91 -3.81
C HIS A 27 1.86 -8.21 -2.60
N LEU A 28 0.58 -7.88 -2.70
CA LEU A 28 -0.13 -7.21 -1.61
C LEU A 28 0.28 -7.79 -0.26
N VAL A 29 0.46 -9.10 -0.22
CA VAL A 29 0.86 -9.78 1.00
C VAL A 29 2.23 -9.31 1.49
N GLN A 30 3.22 -9.42 0.61
CA GLN A 30 4.58 -9.00 0.94
C GLN A 30 4.60 -7.56 1.45
N HIS A 31 3.57 -6.81 1.09
CA HIS A 31 3.46 -5.41 1.50
C HIS A 31 2.80 -5.29 2.87
N HIS A 32 2.04 -6.32 3.24
CA HIS A 32 1.35 -6.33 4.52
C HIS A 32 2.34 -6.42 5.68
N SER A 33 3.63 -6.53 5.33
CA SER A 33 4.67 -6.64 6.35
C SER A 33 5.56 -5.39 6.33
N VAL A 34 5.12 -4.37 5.60
CA VAL A 34 5.87 -3.12 5.50
C VAL A 34 5.50 -2.17 6.62
N HIS A 35 4.31 -2.36 7.18
CA HIS A 35 3.83 -1.51 8.27
C HIS A 35 4.30 -2.05 9.62
N SER A 36 4.13 -3.35 9.83
CA SER A 36 4.52 -3.97 11.08
C SER A 36 5.89 -3.48 11.52
N GLY A 37 6.82 -3.39 10.59
CA GLY A 37 8.16 -2.93 10.91
C GLY A 37 8.15 -1.69 11.78
N GLU A 38 7.59 -0.61 11.25
CA GLU A 38 7.52 0.64 11.99
C GLU A 38 6.22 1.39 11.69
N ARG A 39 5.42 1.64 12.72
CA ARG A 39 4.16 2.35 12.56
C ARG A 39 4.38 3.75 12.00
N PRO A 40 3.45 4.19 11.14
CA PRO A 40 3.51 5.52 10.51
C PRO A 40 3.28 6.64 11.51
N SER A 41 3.61 7.87 11.11
CA SER A 41 3.44 9.03 11.98
C SER A 41 1.98 9.44 12.04
N GLY A 42 1.33 9.15 13.16
CA GLY A 42 -0.07 9.50 13.33
C GLY A 42 -0.96 8.77 12.35
N PRO A 43 -2.19 8.44 12.80
CA PRO A 43 -3.17 7.73 11.97
C PRO A 43 -3.71 8.59 10.83
N SER A 44 -3.48 8.16 9.60
CA SER A 44 -3.94 8.90 8.43
C SER A 44 -5.34 8.46 8.03
N SER A 45 -5.56 7.15 7.98
CA SER A 45 -6.85 6.60 7.60
C SER A 45 -7.25 5.46 8.54
N GLY A 46 -8.49 4.99 8.40
CA GLY A 46 -8.97 3.90 9.23
C GLY A 46 -8.57 2.54 8.70
ZN ZN B . -0.56 -1.16 3.47
N GLY A 1 9.43 17.52 -18.89
CA GLY A 1 8.75 18.58 -18.16
C GLY A 1 7.77 18.05 -17.14
N SER A 2 6.48 18.14 -17.46
CA SER A 2 5.43 17.67 -16.57
C SER A 2 5.28 16.16 -16.65
N SER A 3 4.92 15.54 -15.53
CA SER A 3 4.75 14.09 -15.47
C SER A 3 3.29 13.71 -15.67
N GLY A 4 3.04 12.43 -15.93
CA GLY A 4 1.68 11.96 -16.14
C GLY A 4 1.43 10.61 -15.49
N SER A 5 0.42 10.55 -14.63
CA SER A 5 0.09 9.30 -13.94
C SER A 5 -1.07 8.60 -14.64
N SER A 6 -1.29 7.34 -14.28
CA SER A 6 -2.38 6.56 -14.86
C SER A 6 -2.97 5.59 -13.83
N GLY A 7 -4.23 5.83 -13.47
CA GLY A 7 -4.89 4.98 -12.51
C GLY A 7 -6.40 5.09 -12.57
N THR A 8 -6.97 4.69 -13.71
CA THR A 8 -8.42 4.76 -13.90
C THR A 8 -9.13 3.66 -13.12
N GLY A 9 -8.62 2.43 -13.25
CA GLY A 9 -9.21 1.30 -12.55
C GLY A 9 -8.55 1.03 -11.22
N GLU A 10 -9.32 0.48 -10.28
CA GLU A 10 -8.80 0.18 -8.95
C GLU A 10 -8.66 -1.33 -8.76
N LYS A 11 -7.46 -1.76 -8.34
CA LYS A 11 -7.19 -3.17 -8.12
C LYS A 11 -8.25 -3.79 -7.21
N PRO A 12 -8.47 -5.10 -7.37
CA PRO A 12 -9.45 -5.84 -6.58
C PRO A 12 -9.03 -5.99 -5.11
N TYR A 13 -7.73 -5.91 -4.87
CA TYR A 13 -7.20 -6.03 -3.51
C TYR A 13 -6.50 -4.74 -3.08
N LYS A 14 -7.12 -4.04 -2.13
CA LYS A 14 -6.57 -2.79 -1.62
C LYS A 14 -6.32 -2.87 -0.12
N CYS A 15 -5.16 -2.38 0.31
CA CYS A 15 -4.80 -2.41 1.72
C CYS A 15 -5.84 -1.67 2.56
N GLN A 16 -5.61 -1.63 3.86
CA GLN A 16 -6.53 -0.97 4.77
C GLN A 16 -5.78 -0.04 5.72
N VAL A 17 -4.55 -0.40 6.05
CA VAL A 17 -3.72 0.40 6.95
C VAL A 17 -3.24 1.67 6.25
N CYS A 18 -2.81 1.53 5.00
CA CYS A 18 -2.32 2.66 4.23
C CYS A 18 -3.25 2.97 3.07
N GLY A 19 -3.86 1.92 2.51
CA GLY A 19 -4.77 2.10 1.39
C GLY A 19 -4.12 1.75 0.06
N LYS A 20 -3.09 0.93 0.11
CA LYS A 20 -2.38 0.52 -1.10
C LYS A 20 -3.27 -0.37 -1.97
N ALA A 21 -2.76 -0.75 -3.14
CA ALA A 21 -3.50 -1.60 -4.05
C ALA A 21 -2.56 -2.46 -4.89
N PHE A 22 -3.01 -3.66 -5.24
CA PHE A 22 -2.20 -4.58 -6.04
C PHE A 22 -3.09 -5.52 -6.83
N ARG A 23 -2.87 -5.56 -8.15
CA ARG A 23 -3.66 -6.41 -9.03
C ARG A 23 -3.57 -7.87 -8.59
N VAL A 24 -2.47 -8.22 -7.94
CA VAL A 24 -2.26 -9.59 -7.46
C VAL A 24 -2.35 -9.66 -5.93
N SER A 25 -2.47 -10.88 -5.42
CA SER A 25 -2.58 -11.08 -3.98
C SER A 25 -1.19 -11.14 -3.33
N SER A 26 -0.31 -11.93 -3.92
CA SER A 26 1.05 -12.07 -3.40
C SER A 26 1.64 -10.72 -3.04
N HIS A 27 1.95 -9.92 -4.05
CA HIS A 27 2.52 -8.60 -3.83
C HIS A 27 1.87 -7.91 -2.65
N LEU A 28 0.54 -7.76 -2.72
CA LEU A 28 -0.20 -7.12 -1.65
C LEU A 28 0.10 -7.77 -0.29
N VAL A 29 0.19 -9.09 -0.30
CA VAL A 29 0.48 -9.83 0.93
C VAL A 29 1.83 -9.43 1.51
N GLN A 30 2.86 -9.46 0.66
CA GLN A 30 4.21 -9.10 1.10
C GLN A 30 4.26 -7.65 1.58
N HIS A 31 3.39 -6.82 1.02
CA HIS A 31 3.34 -5.41 1.39
C HIS A 31 2.65 -5.23 2.74
N HIS A 32 1.82 -6.20 3.11
CA HIS A 32 1.10 -6.16 4.38
C HIS A 32 2.06 -6.31 5.55
N SER A 33 3.34 -6.49 5.25
CA SER A 33 4.36 -6.66 6.28
C SER A 33 5.34 -5.49 6.26
N VAL A 34 5.00 -4.45 5.50
CA VAL A 34 5.84 -3.27 5.41
C VAL A 34 5.56 -2.30 6.54
N HIS A 35 4.29 -2.24 6.96
CA HIS A 35 3.89 -1.34 8.03
C HIS A 35 4.34 -1.88 9.39
N SER A 36 3.95 -3.11 9.69
CA SER A 36 4.31 -3.74 10.96
C SER A 36 5.71 -4.35 10.88
N GLY A 37 6.63 -3.61 10.27
CA GLY A 37 7.99 -4.09 10.15
C GLY A 37 9.02 -3.03 10.49
N GLU A 38 9.35 -2.19 9.52
CA GLU A 38 10.33 -1.13 9.74
C GLU A 38 9.93 -0.24 10.92
N ARG A 39 10.68 -0.34 12.01
CA ARG A 39 10.40 0.45 13.20
C ARG A 39 11.16 1.77 13.18
N PRO A 40 10.58 2.79 13.82
CA PRO A 40 11.20 4.13 13.88
C PRO A 40 12.45 4.15 14.75
N SER A 41 13.52 4.75 14.22
CA SER A 41 14.78 4.83 14.94
C SER A 41 14.82 6.08 15.81
N GLY A 42 13.71 6.37 16.49
CA GLY A 42 13.64 7.53 17.35
C GLY A 42 13.78 8.83 16.58
N PRO A 43 12.75 9.19 15.81
CA PRO A 43 12.75 10.42 15.01
C PRO A 43 12.68 11.68 15.88
N SER A 44 12.69 11.49 17.20
CA SER A 44 12.63 12.61 18.13
C SER A 44 11.33 13.38 17.97
N SER A 45 10.22 12.64 17.87
CA SER A 45 8.90 13.25 17.72
C SER A 45 7.91 12.65 18.71
N GLY A 46 7.37 13.50 19.58
CA GLY A 46 6.41 13.05 20.56
C GLY A 46 6.95 11.92 21.42
ZN ZN B . -0.53 -1.09 3.27
N GLY A 1 9.15 14.74 -16.20
CA GLY A 1 8.26 13.76 -15.62
C GLY A 1 7.45 13.01 -16.67
N SER A 2 6.91 11.86 -16.29
CA SER A 2 6.13 11.04 -17.21
C SER A 2 5.25 10.05 -16.44
N SER A 3 4.25 9.50 -17.12
CA SER A 3 3.34 8.54 -16.51
C SER A 3 3.11 7.35 -17.43
N GLY A 4 2.89 6.19 -16.83
CA GLY A 4 2.67 4.98 -17.60
C GLY A 4 1.29 4.94 -18.23
N SER A 5 0.31 4.44 -17.48
CA SER A 5 -1.07 4.35 -17.97
C SER A 5 -1.95 5.39 -17.29
N SER A 6 -3.19 5.51 -17.76
CA SER A 6 -4.13 6.47 -17.21
C SER A 6 -4.70 5.97 -15.88
N GLY A 7 -5.00 6.90 -14.98
CA GLY A 7 -5.54 6.55 -13.68
C GLY A 7 -4.46 6.07 -12.72
N THR A 8 -4.87 5.80 -11.49
CA THR A 8 -3.94 5.33 -10.47
C THR A 8 -3.85 3.81 -10.45
N GLY A 9 -4.77 3.15 -11.17
CA GLY A 9 -4.78 1.71 -11.21
C GLY A 9 -5.67 1.10 -10.16
N GLU A 10 -6.89 0.74 -10.56
CA GLU A 10 -7.85 0.14 -9.64
C GLU A 10 -7.60 -1.36 -9.50
N LYS A 11 -7.51 -1.82 -8.25
CA LYS A 11 -7.27 -3.23 -7.98
C LYS A 11 -8.34 -3.79 -7.03
N PRO A 12 -8.59 -5.10 -7.13
CA PRO A 12 -9.59 -5.79 -6.31
C PRO A 12 -9.15 -5.89 -4.85
N TYR A 13 -7.84 -5.98 -4.63
CA TYR A 13 -7.29 -6.07 -3.29
C TYR A 13 -6.62 -4.77 -2.87
N LYS A 14 -7.21 -4.09 -1.90
CA LYS A 14 -6.65 -2.83 -1.40
C LYS A 14 -6.39 -2.90 0.09
N CYS A 15 -5.24 -2.39 0.52
CA CYS A 15 -4.87 -2.40 1.93
C CYS A 15 -5.90 -1.65 2.76
N GLN A 16 -5.73 -1.69 4.08
CA GLN A 16 -6.64 -1.02 4.99
C GLN A 16 -5.90 -0.08 5.93
N VAL A 17 -4.61 -0.35 6.13
CA VAL A 17 -3.78 0.46 7.01
C VAL A 17 -3.27 1.70 6.27
N CYS A 18 -2.87 1.51 5.02
CA CYS A 18 -2.36 2.60 4.21
C CYS A 18 -3.30 2.91 3.06
N GLY A 19 -4.03 1.90 2.59
CA GLY A 19 -4.96 2.08 1.49
C GLY A 19 -4.33 1.76 0.15
N LYS A 20 -3.29 0.92 0.16
CA LYS A 20 -2.60 0.55 -1.07
C LYS A 20 -3.48 -0.37 -1.92
N ALA A 21 -2.97 -0.75 -3.09
CA ALA A 21 -3.71 -1.63 -3.99
C ALA A 21 -2.76 -2.48 -4.82
N PHE A 22 -3.20 -3.68 -5.18
CA PHE A 22 -2.39 -4.59 -5.97
C PHE A 22 -3.26 -5.54 -6.78
N ARG A 23 -3.06 -5.54 -8.10
CA ARG A 23 -3.84 -6.40 -8.99
C ARG A 23 -3.70 -7.87 -8.58
N VAL A 24 -2.62 -8.18 -7.87
CA VAL A 24 -2.38 -9.55 -7.42
C VAL A 24 -2.47 -9.65 -5.90
N SER A 25 -2.56 -10.88 -5.40
CA SER A 25 -2.66 -11.12 -3.97
C SER A 25 -1.28 -11.32 -3.35
N SER A 26 -0.42 -12.04 -4.06
CA SER A 26 0.93 -12.31 -3.58
C SER A 26 1.64 -11.02 -3.21
N HIS A 27 1.71 -10.09 -4.16
CA HIS A 27 2.37 -8.82 -3.92
C HIS A 27 1.75 -8.10 -2.73
N LEU A 28 0.45 -7.86 -2.79
CA LEU A 28 -0.26 -7.17 -1.72
C LEU A 28 0.12 -7.75 -0.35
N VAL A 29 0.36 -9.06 -0.32
CA VAL A 29 0.74 -9.74 0.92
C VAL A 29 2.12 -9.28 1.39
N GLN A 30 3.11 -9.39 0.52
CA GLN A 30 4.46 -8.98 0.85
C GLN A 30 4.50 -7.53 1.32
N HIS A 31 3.50 -6.76 0.90
CA HIS A 31 3.41 -5.35 1.28
C HIS A 31 2.74 -5.20 2.64
N HIS A 32 1.92 -6.18 3.01
CA HIS A 32 1.22 -6.15 4.28
C HIS A 32 2.20 -6.23 5.45
N SER A 33 3.47 -6.41 5.13
CA SER A 33 4.51 -6.51 6.15
C SER A 33 5.42 -5.29 6.12
N VAL A 34 5.01 -4.27 5.36
CA VAL A 34 5.79 -3.05 5.25
C VAL A 34 5.40 -2.04 6.31
N HIS A 35 4.28 -2.30 6.98
CA HIS A 35 3.79 -1.41 8.04
C HIS A 35 4.16 -1.96 9.41
N SER A 36 5.24 -2.72 9.48
CA SER A 36 5.69 -3.31 10.74
C SER A 36 6.72 -2.41 11.42
N GLY A 37 7.59 -1.80 10.61
CA GLY A 37 8.62 -0.93 11.14
C GLY A 37 8.04 0.19 12.00
N GLU A 38 8.02 1.39 11.44
CA GLU A 38 7.49 2.55 12.16
C GLU A 38 6.55 3.36 11.27
N ARG A 39 5.51 3.92 11.86
CA ARG A 39 4.55 4.72 11.13
C ARG A 39 4.49 6.15 11.66
N PRO A 40 4.25 7.12 10.76
CA PRO A 40 4.16 8.54 11.12
C PRO A 40 2.92 8.85 11.94
N SER A 41 2.90 10.03 12.55
CA SER A 41 1.77 10.46 13.37
C SER A 41 0.50 10.55 12.53
N GLY A 42 -0.30 9.49 12.56
CA GLY A 42 -1.54 9.46 11.80
C GLY A 42 -2.74 9.12 12.66
N PRO A 43 -3.94 9.44 12.15
CA PRO A 43 -5.20 9.17 12.87
C PRO A 43 -5.52 7.68 12.94
N SER A 44 -6.70 7.35 13.43
CA SER A 44 -7.13 5.97 13.56
C SER A 44 -8.64 5.87 13.67
N SER A 45 -9.23 4.96 12.90
CA SER A 45 -10.68 4.76 12.92
C SER A 45 -11.04 3.36 12.46
N GLY A 46 -11.53 2.54 13.38
CA GLY A 46 -11.92 1.19 13.05
C GLY A 46 -11.41 0.17 14.06
ZN ZN B . -0.52 -1.19 3.29
N GLY A 1 3.67 6.71 -27.16
CA GLY A 1 2.55 6.11 -26.45
C GLY A 1 2.96 5.50 -25.13
N SER A 2 2.49 6.07 -24.03
CA SER A 2 2.82 5.57 -22.70
C SER A 2 1.58 5.05 -22.00
N SER A 3 1.72 3.90 -21.34
CA SER A 3 0.60 3.29 -20.62
C SER A 3 1.09 2.62 -19.34
N GLY A 4 0.14 2.19 -18.51
CA GLY A 4 0.48 1.54 -17.26
C GLY A 4 0.96 0.12 -17.47
N SER A 5 2.24 -0.12 -17.23
CA SER A 5 2.83 -1.45 -17.41
C SER A 5 2.11 -2.47 -16.52
N SER A 6 1.87 -2.10 -15.26
CA SER A 6 1.21 -2.98 -14.32
C SER A 6 -0.09 -2.36 -13.83
N GLY A 7 -0.84 -1.74 -14.74
CA GLY A 7 -2.10 -1.12 -14.38
C GLY A 7 -3.19 -1.36 -15.39
N THR A 8 -4.28 -1.99 -14.96
CA THR A 8 -5.39 -2.29 -15.86
C THR A 8 -6.72 -1.90 -15.21
N GLY A 9 -6.73 -0.76 -14.53
CA GLY A 9 -7.95 -0.29 -13.89
C GLY A 9 -7.92 -0.51 -12.38
N GLU A 10 -9.01 -0.15 -11.71
CA GLU A 10 -9.11 -0.30 -10.27
C GLU A 10 -8.78 -1.73 -9.85
N LYS A 11 -7.88 -1.87 -8.88
CA LYS A 11 -7.48 -3.18 -8.38
C LYS A 11 -8.51 -3.72 -7.40
N PRO A 12 -8.72 -5.05 -7.42
CA PRO A 12 -9.66 -5.72 -6.53
C PRO A 12 -9.19 -5.73 -5.09
N TYR A 13 -7.89 -5.79 -4.89
CA TYR A 13 -7.31 -5.81 -3.55
C TYR A 13 -6.76 -4.43 -3.18
N LYS A 14 -6.93 -4.07 -1.92
CA LYS A 14 -6.45 -2.77 -1.42
C LYS A 14 -6.25 -2.80 0.08
N CYS A 15 -5.08 -2.37 0.54
CA CYS A 15 -4.77 -2.34 1.96
C CYS A 15 -5.82 -1.55 2.73
N GLN A 16 -5.70 -1.55 4.06
CA GLN A 16 -6.64 -0.82 4.91
C GLN A 16 -5.90 0.12 5.85
N VAL A 17 -4.65 -0.22 6.16
CA VAL A 17 -3.84 0.60 7.06
C VAL A 17 -3.25 1.79 6.33
N CYS A 18 -2.87 1.58 5.07
CA CYS A 18 -2.29 2.64 4.26
C CYS A 18 -3.19 2.98 3.07
N GLY A 19 -3.90 1.97 2.57
CA GLY A 19 -4.79 2.18 1.45
C GLY A 19 -4.13 1.83 0.12
N LYS A 20 -3.14 0.95 0.17
CA LYS A 20 -2.43 0.54 -1.04
C LYS A 20 -3.31 -0.34 -1.92
N ALA A 21 -2.79 -0.70 -3.09
CA ALA A 21 -3.54 -1.54 -4.03
C ALA A 21 -2.59 -2.43 -4.83
N PHE A 22 -3.02 -3.67 -5.08
CA PHE A 22 -2.21 -4.61 -5.84
C PHE A 22 -3.10 -5.58 -6.62
N ARG A 23 -3.15 -5.40 -7.93
CA ARG A 23 -3.95 -6.26 -8.78
C ARG A 23 -3.76 -7.73 -8.42
N VAL A 24 -2.65 -8.03 -7.76
CA VAL A 24 -2.35 -9.40 -7.36
C VAL A 24 -2.38 -9.54 -5.84
N SER A 25 -2.56 -10.76 -5.37
CA SER A 25 -2.61 -11.04 -3.93
C SER A 25 -1.20 -11.10 -3.34
N SER A 26 -0.32 -11.82 -4.03
CA SER A 26 1.06 -11.98 -3.58
C SER A 26 1.65 -10.63 -3.16
N HIS A 27 1.99 -9.82 -4.15
CA HIS A 27 2.57 -8.50 -3.89
C HIS A 27 1.94 -7.86 -2.66
N LEU A 28 0.61 -7.78 -2.67
CA LEU A 28 -0.12 -7.19 -1.54
C LEU A 28 0.27 -7.86 -0.22
N VAL A 29 0.45 -9.18 -0.27
CA VAL A 29 0.84 -9.94 0.92
C VAL A 29 2.18 -9.47 1.46
N GLN A 30 3.20 -9.48 0.60
CA GLN A 30 4.54 -9.06 1.00
C GLN A 30 4.52 -7.63 1.51
N HIS A 31 3.57 -6.84 1.03
CA HIS A 31 3.45 -5.45 1.45
C HIS A 31 2.75 -5.34 2.80
N HIS A 32 1.98 -6.36 3.15
CA HIS A 32 1.27 -6.39 4.41
C HIS A 32 2.23 -6.54 5.59
N SER A 33 3.52 -6.64 5.28
CA SER A 33 4.54 -6.79 6.31
C SER A 33 5.46 -5.58 6.34
N VAL A 34 5.10 -4.55 5.57
CA VAL A 34 5.89 -3.33 5.52
C VAL A 34 5.56 -2.39 6.67
N HIS A 35 4.32 -2.49 7.15
CA HIS A 35 3.86 -1.65 8.25
C HIS A 35 4.24 -2.26 9.60
N SER A 36 5.34 -3.02 9.61
CA SER A 36 5.79 -3.67 10.83
C SER A 36 7.26 -3.35 11.10
N GLY A 37 7.52 -2.69 12.23
CA GLY A 37 8.87 -2.33 12.59
C GLY A 37 8.98 -1.77 13.99
N GLU A 38 8.81 -0.45 14.11
CA GLU A 38 8.89 0.21 15.41
C GLU A 38 7.52 0.27 16.08
N ARG A 39 7.46 -0.15 17.34
CA ARG A 39 6.21 -0.15 18.08
C ARG A 39 5.86 1.25 18.57
N PRO A 40 4.57 1.61 18.45
CA PRO A 40 4.08 2.94 18.87
C PRO A 40 4.10 3.10 20.38
N SER A 41 3.83 4.32 20.84
CA SER A 41 3.81 4.62 22.27
C SER A 41 2.39 4.86 22.76
N GLY A 42 2.11 4.43 23.99
CA GLY A 42 0.79 4.61 24.56
C GLY A 42 0.11 3.29 24.86
N PRO A 43 -0.80 3.31 25.85
CA PRO A 43 -1.54 2.11 26.27
C PRO A 43 -2.55 1.67 25.22
N SER A 44 -2.20 0.63 24.47
CA SER A 44 -3.07 0.10 23.43
C SER A 44 -4.07 -0.90 24.01
N SER A 45 -4.62 -0.57 25.18
CA SER A 45 -5.59 -1.43 25.84
C SER A 45 -5.15 -2.90 25.76
N GLY A 46 -3.85 -3.14 25.97
CA GLY A 46 -3.33 -4.49 25.92
C GLY A 46 -1.95 -4.55 25.30
ZN ZN B . -0.43 -1.24 3.45
N GLY A 1 -6.44 18.14 -1.21
CA GLY A 1 -5.98 18.17 -2.59
C GLY A 1 -4.93 17.10 -2.86
N SER A 2 -5.23 16.21 -3.80
CA SER A 2 -4.32 15.13 -4.15
C SER A 2 -3.24 15.63 -5.11
N SER A 3 -1.98 15.40 -4.73
CA SER A 3 -0.86 15.83 -5.56
C SER A 3 -0.12 14.62 -6.13
N GLY A 4 -0.30 14.38 -7.43
CA GLY A 4 0.36 13.27 -8.08
C GLY A 4 -0.43 11.98 -7.96
N SER A 5 -1.61 11.96 -8.57
CA SER A 5 -2.47 10.78 -8.52
C SER A 5 -2.04 9.76 -9.58
N SER A 6 -0.74 9.53 -9.68
CA SER A 6 -0.20 8.58 -10.64
C SER A 6 -0.90 7.23 -10.52
N GLY A 7 -0.89 6.47 -11.60
CA GLY A 7 -1.52 5.16 -11.60
C GLY A 7 -3.03 5.25 -11.63
N THR A 8 -3.60 5.24 -12.83
CA THR A 8 -5.04 5.33 -13.00
C THR A 8 -5.67 3.94 -13.10
N GLY A 9 -5.57 3.17 -12.02
CA GLY A 9 -6.13 1.84 -12.01
C GLY A 9 -6.68 1.45 -10.65
N GLU A 10 -7.75 0.66 -10.64
CA GLU A 10 -8.37 0.23 -9.40
C GLU A 10 -8.25 -1.28 -9.23
N LYS A 11 -7.41 -1.70 -8.29
CA LYS A 11 -7.20 -3.11 -8.02
C LYS A 11 -8.27 -3.66 -7.08
N PRO A 12 -8.56 -4.97 -7.20
CA PRO A 12 -9.56 -5.64 -6.37
C PRO A 12 -9.12 -5.77 -4.92
N TYR A 13 -7.81 -5.89 -4.71
CA TYR A 13 -7.26 -6.02 -3.36
C TYR A 13 -6.56 -4.73 -2.94
N LYS A 14 -7.16 -4.04 -1.97
CA LYS A 14 -6.59 -2.79 -1.47
C LYS A 14 -6.35 -2.88 0.04
N CYS A 15 -5.19 -2.38 0.47
CA CYS A 15 -4.84 -2.40 1.89
C CYS A 15 -5.88 -1.65 2.72
N GLN A 16 -5.66 -1.61 4.03
CA GLN A 16 -6.58 -0.94 4.94
C GLN A 16 -5.83 0.04 5.84
N VAL A 17 -4.57 -0.30 6.14
CA VAL A 17 -3.75 0.55 7.00
C VAL A 17 -3.24 1.78 6.25
N CYS A 18 -2.84 1.57 5.01
CA CYS A 18 -2.34 2.66 4.18
C CYS A 18 -3.28 2.94 3.01
N GLY A 19 -3.98 1.91 2.57
CA GLY A 19 -4.91 2.05 1.45
C GLY A 19 -4.27 1.72 0.12
N LYS A 20 -3.23 0.89 0.15
CA LYS A 20 -2.54 0.49 -1.06
C LYS A 20 -3.41 -0.44 -1.90
N ALA A 21 -2.89 -0.83 -3.07
CA ALA A 21 -3.62 -1.73 -3.96
C ALA A 21 -2.66 -2.57 -4.79
N PHE A 22 -3.11 -3.76 -5.17
CA PHE A 22 -2.29 -4.67 -5.97
C PHE A 22 -3.17 -5.63 -6.77
N ARG A 23 -3.02 -5.61 -8.09
CA ARG A 23 -3.79 -6.47 -8.96
C ARG A 23 -3.65 -7.93 -8.56
N VAL A 24 -2.54 -8.25 -7.91
CA VAL A 24 -2.27 -9.61 -7.46
C VAL A 24 -2.40 -9.73 -5.94
N SER A 25 -2.45 -10.96 -5.46
CA SER A 25 -2.57 -11.21 -4.02
C SER A 25 -1.21 -11.48 -3.40
N SER A 26 -0.31 -12.06 -4.18
CA SER A 26 1.04 -12.38 -3.70
C SER A 26 1.79 -11.11 -3.32
N HIS A 27 1.65 -10.08 -4.16
CA HIS A 27 2.32 -8.80 -3.92
C HIS A 27 1.71 -8.09 -2.72
N LEU A 28 0.40 -7.88 -2.76
CA LEU A 28 -0.30 -7.21 -1.67
C LEU A 28 0.06 -7.84 -0.33
N VAL A 29 0.40 -9.13 -0.35
CA VAL A 29 0.77 -9.84 0.87
C VAL A 29 2.11 -9.36 1.40
N GLN A 30 3.12 -9.36 0.54
CA GLN A 30 4.46 -8.92 0.92
C GLN A 30 4.44 -7.47 1.39
N HIS A 31 3.46 -6.71 0.93
CA HIS A 31 3.32 -5.31 1.32
C HIS A 31 2.65 -5.18 2.68
N HIS A 32 1.87 -6.19 3.05
CA HIS A 32 1.16 -6.18 4.33
C HIS A 32 2.15 -6.25 5.49
N SER A 33 3.43 -6.41 5.16
CA SER A 33 4.47 -6.49 6.18
C SER A 33 5.37 -5.26 6.14
N VAL A 34 4.93 -4.23 5.43
CA VAL A 34 5.69 -3.00 5.31
C VAL A 34 5.37 -2.04 6.46
N HIS A 35 4.23 -2.28 7.12
CA HIS A 35 3.81 -1.44 8.23
C HIS A 35 4.23 -2.05 9.56
N SER A 36 4.53 -3.35 9.54
CA SER A 36 4.94 -4.06 10.74
C SER A 36 6.46 -4.00 10.92
N GLY A 37 7.07 -2.98 10.33
CA GLY A 37 8.51 -2.82 10.43
C GLY A 37 9.27 -4.00 9.84
N GLU A 38 9.85 -3.80 8.67
CA GLU A 38 10.61 -4.85 8.00
C GLU A 38 11.97 -5.05 8.66
N ARG A 39 12.22 -4.29 9.72
CA ARG A 39 13.49 -4.38 10.44
C ARG A 39 13.37 -3.74 11.82
N PRO A 40 14.17 -4.24 12.78
CA PRO A 40 14.18 -3.74 14.15
C PRO A 40 14.78 -2.34 14.25
N SER A 41 13.93 -1.32 14.14
CA SER A 41 14.38 0.06 14.21
C SER A 41 13.30 0.95 14.83
N GLY A 42 13.61 2.23 14.97
CA GLY A 42 12.66 3.17 15.54
C GLY A 42 13.11 4.61 15.42
N PRO A 43 12.15 5.53 15.26
CA PRO A 43 12.44 6.96 15.12
C PRO A 43 12.94 7.57 16.42
N SER A 44 12.25 7.26 17.52
CA SER A 44 12.63 7.80 18.83
C SER A 44 14.11 7.59 19.09
N SER A 45 14.57 8.07 20.24
CA SER A 45 15.99 7.94 20.62
C SER A 45 16.56 6.63 20.09
N GLY A 46 17.25 6.71 18.96
CA GLY A 46 17.86 5.51 18.39
C GLY A 46 17.57 5.39 16.90
ZN ZN B . -0.54 -1.14 3.40
N GLY A 1 -4.30 17.67 -23.19
CA GLY A 1 -3.70 18.28 -22.03
C GLY A 1 -2.89 17.30 -21.21
N SER A 2 -1.86 17.80 -20.54
CA SER A 2 -0.99 16.95 -19.71
C SER A 2 -1.84 16.06 -18.80
N SER A 3 -1.89 14.77 -19.14
CA SER A 3 -2.66 13.81 -18.36
C SER A 3 -1.74 12.91 -17.55
N GLY A 4 -2.21 12.46 -16.38
CA GLY A 4 -1.42 11.60 -15.53
C GLY A 4 -1.29 10.19 -16.10
N SER A 5 -2.43 9.55 -16.34
CA SER A 5 -2.45 8.20 -16.87
C SER A 5 -3.84 7.83 -17.37
N SER A 6 -3.89 6.99 -18.39
CA SER A 6 -5.16 6.55 -18.97
C SER A 6 -5.76 5.41 -18.17
N GLY A 7 -7.05 5.48 -17.92
CA GLY A 7 -7.73 4.44 -17.16
C GLY A 7 -7.26 4.38 -15.71
N THR A 8 -8.20 4.50 -14.79
CA THR A 8 -7.87 4.46 -13.36
C THR A 8 -7.55 3.04 -12.92
N GLY A 9 -8.15 2.06 -13.58
CA GLY A 9 -7.93 0.68 -13.23
C GLY A 9 -7.71 0.48 -11.75
N GLU A 10 -8.80 0.26 -11.02
CA GLU A 10 -8.72 0.06 -9.57
C GLU A 10 -8.55 -1.42 -9.24
N LYS A 11 -7.48 -1.74 -8.54
CA LYS A 11 -7.19 -3.11 -8.16
C LYS A 11 -8.26 -3.64 -7.20
N PRO A 12 -8.51 -4.96 -7.26
CA PRO A 12 -9.51 -5.61 -6.40
C PRO A 12 -9.06 -5.66 -4.94
N TYR A 13 -7.79 -5.94 -4.72
CA TYR A 13 -7.24 -6.01 -3.37
C TYR A 13 -6.58 -4.70 -2.98
N LYS A 14 -7.10 -4.07 -1.92
CA LYS A 14 -6.57 -2.80 -1.45
C LYS A 14 -6.35 -2.85 0.06
N CYS A 15 -5.17 -2.40 0.50
CA CYS A 15 -4.84 -2.39 1.93
C CYS A 15 -5.89 -1.62 2.72
N GLN A 16 -5.69 -1.55 4.03
CA GLN A 16 -6.63 -0.84 4.91
C GLN A 16 -5.88 0.13 5.83
N VAL A 17 -4.63 -0.23 6.15
CA VAL A 17 -3.82 0.61 7.03
C VAL A 17 -3.25 1.80 6.27
N CYS A 18 -2.86 1.59 5.03
CA CYS A 18 -2.31 2.65 4.20
C CYS A 18 -3.22 2.95 3.01
N GLY A 19 -3.92 1.93 2.53
CA GLY A 19 -4.82 2.10 1.41
C GLY A 19 -4.17 1.76 0.09
N LYS A 20 -3.18 0.89 0.13
CA LYS A 20 -2.47 0.48 -1.08
C LYS A 20 -3.34 -0.41 -1.95
N ALA A 21 -2.82 -0.79 -3.11
CA ALA A 21 -3.55 -1.65 -4.03
C ALA A 21 -2.60 -2.52 -4.85
N PHE A 22 -3.04 -3.73 -5.20
CA PHE A 22 -2.24 -4.65 -5.97
C PHE A 22 -3.11 -5.63 -6.75
N ARG A 23 -3.01 -5.57 -8.08
CA ARG A 23 -3.81 -6.44 -8.94
C ARG A 23 -3.67 -7.90 -8.50
N VAL A 24 -2.52 -8.25 -7.95
CA VAL A 24 -2.26 -9.60 -7.49
C VAL A 24 -2.38 -9.70 -5.97
N SER A 25 -2.46 -10.93 -5.46
CA SER A 25 -2.58 -11.16 -4.03
C SER A 25 -1.20 -11.30 -3.38
N SER A 26 -0.27 -11.91 -4.11
CA SER A 26 1.09 -12.11 -3.61
C SER A 26 1.71 -10.78 -3.20
N HIS A 27 1.86 -9.89 -4.16
CA HIS A 27 2.46 -8.58 -3.91
C HIS A 27 1.81 -7.92 -2.69
N LEU A 28 0.49 -7.79 -2.73
CA LEU A 28 -0.25 -7.18 -1.63
C LEU A 28 0.14 -7.80 -0.30
N VAL A 29 0.36 -9.11 -0.31
CA VAL A 29 0.74 -9.83 0.91
C VAL A 29 2.08 -9.33 1.44
N GLN A 30 3.11 -9.42 0.61
CA GLN A 30 4.44 -8.98 1.00
C GLN A 30 4.43 -7.54 1.49
N HIS A 31 3.45 -6.77 1.01
CA HIS A 31 3.32 -5.38 1.39
C HIS A 31 2.64 -5.25 2.76
N HIS A 32 1.85 -6.26 3.12
CA HIS A 32 1.16 -6.26 4.40
C HIS A 32 2.14 -6.40 5.56
N SER A 33 3.42 -6.54 5.23
CA SER A 33 4.46 -6.68 6.23
C SER A 33 5.39 -5.48 6.23
N VAL A 34 5.02 -4.45 5.48
CA VAL A 34 5.82 -3.23 5.39
C VAL A 34 5.50 -2.28 6.53
N HIS A 35 4.27 -2.36 7.04
CA HIS A 35 3.84 -1.51 8.14
C HIS A 35 4.20 -2.12 9.49
N SER A 36 5.31 -2.85 9.51
CA SER A 36 5.77 -3.49 10.74
C SER A 36 6.49 -2.50 11.64
N GLY A 37 7.37 -1.70 11.04
CA GLY A 37 8.11 -0.71 11.80
C GLY A 37 7.21 0.34 12.42
N GLU A 38 7.58 1.61 12.26
CA GLU A 38 6.81 2.71 12.81
C GLU A 38 6.63 3.82 11.78
N ARG A 39 5.54 4.57 11.90
CA ARG A 39 5.25 5.66 10.98
C ARG A 39 5.14 6.98 11.73
N PRO A 40 5.71 8.05 11.13
CA PRO A 40 5.69 9.39 11.72
C PRO A 40 4.29 10.01 11.71
N SER A 41 4.03 10.88 12.68
CA SER A 41 2.72 11.53 12.78
C SER A 41 2.43 12.33 11.53
N GLY A 42 1.16 12.74 11.37
CA GLY A 42 0.76 13.51 10.22
C GLY A 42 -0.05 14.74 10.59
N PRO A 43 -0.65 15.39 9.58
CA PRO A 43 -1.46 16.59 9.78
C PRO A 43 -2.77 16.29 10.48
N SER A 44 -3.55 17.33 10.76
CA SER A 44 -4.83 17.17 11.43
C SER A 44 -4.65 16.56 12.81
N SER A 45 -3.65 17.04 13.55
CA SER A 45 -3.36 16.54 14.88
C SER A 45 -4.65 16.39 15.69
N GLY A 46 -5.48 17.43 15.68
CA GLY A 46 -6.73 17.39 16.41
C GLY A 46 -7.55 16.14 16.11
ZN ZN B . -0.52 -1.22 3.40
N GLY A 1 2.06 19.85 -10.85
CA GLY A 1 1.18 18.76 -10.52
C GLY A 1 1.67 17.43 -11.05
N SER A 2 2.13 16.56 -10.16
CA SER A 2 2.65 15.26 -10.54
C SER A 2 1.50 14.32 -10.91
N SER A 3 1.14 14.31 -12.18
CA SER A 3 0.05 13.45 -12.67
C SER A 3 0.58 12.08 -13.07
N GLY A 4 0.35 11.08 -12.20
CA GLY A 4 0.81 9.74 -12.48
C GLY A 4 -0.25 8.70 -12.21
N SER A 5 -0.84 8.16 -13.26
CA SER A 5 -1.88 7.14 -13.13
C SER A 5 -1.42 6.01 -12.21
N SER A 6 -0.31 5.38 -12.59
CA SER A 6 0.23 4.27 -11.80
C SER A 6 -0.89 3.43 -11.20
N GLY A 7 -1.91 3.15 -12.01
CA GLY A 7 -3.03 2.35 -11.55
C GLY A 7 -4.35 2.88 -12.04
N THR A 8 -4.54 2.88 -13.36
CA THR A 8 -5.77 3.36 -13.97
C THR A 8 -6.97 2.58 -13.46
N GLY A 9 -6.84 1.25 -13.42
CA GLY A 9 -7.93 0.41 -12.95
C GLY A 9 -7.72 -0.05 -11.52
N GLU A 10 -8.49 0.53 -10.60
CA GLU A 10 -8.40 0.18 -9.19
C GLU A 10 -8.29 -1.33 -9.02
N LYS A 11 -7.25 -1.77 -8.31
CA LYS A 11 -7.03 -3.18 -8.06
C LYS A 11 -8.12 -3.76 -7.18
N PRO A 12 -8.37 -5.07 -7.33
CA PRO A 12 -9.39 -5.78 -6.55
C PRO A 12 -9.01 -5.92 -5.08
N TYR A 13 -7.70 -5.92 -4.82
CA TYR A 13 -7.20 -6.05 -3.46
C TYR A 13 -6.52 -4.77 -3.00
N LYS A 14 -7.17 -4.07 -2.08
CA LYS A 14 -6.62 -2.82 -1.55
C LYS A 14 -6.38 -2.92 -0.05
N CYS A 15 -5.25 -2.39 0.41
CA CYS A 15 -4.90 -2.42 1.82
C CYS A 15 -5.95 -1.70 2.65
N GLN A 16 -5.73 -1.66 3.96
CA GLN A 16 -6.66 -1.00 4.87
C GLN A 16 -5.92 -0.04 5.80
N VAL A 17 -4.66 -0.36 6.09
CA VAL A 17 -3.84 0.47 6.97
C VAL A 17 -3.35 1.72 6.24
N CYS A 18 -2.92 1.54 4.99
CA CYS A 18 -2.43 2.65 4.19
C CYS A 18 -3.36 2.93 3.01
N GLY A 19 -4.03 1.88 2.54
CA GLY A 19 -4.94 2.03 1.43
C GLY A 19 -4.30 1.70 0.09
N LYS A 20 -3.22 0.91 0.15
CA LYS A 20 -2.52 0.52 -1.07
C LYS A 20 -3.37 -0.40 -1.94
N ALA A 21 -2.86 -0.76 -3.10
CA ALA A 21 -3.58 -1.63 -4.02
C ALA A 21 -2.60 -2.49 -4.83
N PHE A 22 -3.04 -3.70 -5.16
CA PHE A 22 -2.22 -4.63 -5.93
C PHE A 22 -3.09 -5.57 -6.76
N ARG A 23 -2.95 -5.50 -8.08
CA ARG A 23 -3.72 -6.34 -8.97
C ARG A 23 -3.58 -7.82 -8.59
N VAL A 24 -2.53 -8.12 -7.84
CA VAL A 24 -2.27 -9.49 -7.41
C VAL A 24 -2.37 -9.62 -5.89
N SER A 25 -2.60 -10.83 -5.42
CA SER A 25 -2.72 -11.08 -3.98
C SER A 25 -1.34 -11.23 -3.34
N SER A 26 -0.46 -11.97 -4.01
CA SER A 26 0.89 -12.19 -3.49
C SER A 26 1.55 -10.87 -3.11
N HIS A 27 1.70 -9.99 -4.10
CA HIS A 27 2.32 -8.68 -3.86
C HIS A 27 1.70 -8.00 -2.65
N LEU A 28 0.39 -7.80 -2.70
CA LEU A 28 -0.33 -7.16 -1.60
C LEU A 28 0.06 -7.76 -0.27
N VAL A 29 0.22 -9.07 -0.24
CA VAL A 29 0.61 -9.77 0.98
C VAL A 29 1.98 -9.33 1.47
N GLN A 30 2.98 -9.44 0.59
CA GLN A 30 4.34 -9.04 0.93
C GLN A 30 4.38 -7.59 1.40
N HIS A 31 3.39 -6.81 0.98
CA HIS A 31 3.31 -5.40 1.36
C HIS A 31 2.69 -5.24 2.74
N HIS A 32 1.91 -6.23 3.16
CA HIS A 32 1.26 -6.20 4.46
C HIS A 32 2.28 -6.34 5.59
N SER A 33 3.55 -6.49 5.21
CA SER A 33 4.61 -6.64 6.19
C SER A 33 5.55 -5.43 6.17
N VAL A 34 5.15 -4.40 5.41
CA VAL A 34 5.94 -3.19 5.31
C VAL A 34 5.62 -2.22 6.44
N HIS A 35 4.37 -2.23 6.88
CA HIS A 35 3.94 -1.36 7.97
C HIS A 35 4.44 -1.87 9.32
N SER A 36 4.17 -3.15 9.59
CA SER A 36 4.60 -3.75 10.84
C SER A 36 6.10 -3.97 10.87
N GLY A 37 6.76 -3.40 11.87
CA GLY A 37 8.20 -3.53 12.00
C GLY A 37 8.73 -3.02 13.32
N GLU A 38 8.99 -3.92 14.25
CA GLU A 38 9.49 -3.56 15.56
C GLU A 38 8.94 -2.19 15.99
N ARG A 39 7.63 -2.02 15.84
CA ARG A 39 6.98 -0.77 16.21
C ARG A 39 5.57 -1.03 16.74
N PRO A 40 5.10 -0.14 17.63
CA PRO A 40 3.76 -0.25 18.23
C PRO A 40 2.66 0.01 17.23
N SER A 41 1.60 -0.80 17.28
CA SER A 41 0.48 -0.66 16.37
C SER A 41 -0.61 0.22 17.00
N GLY A 42 -1.30 0.99 16.16
CA GLY A 42 -2.36 1.85 16.64
C GLY A 42 -3.71 1.49 16.07
N PRO A 43 -4.32 0.44 16.61
CA PRO A 43 -5.64 -0.04 16.15
C PRO A 43 -6.76 0.93 16.53
N SER A 44 -7.99 0.57 16.16
CA SER A 44 -9.15 1.40 16.46
C SER A 44 -10.16 0.64 17.30
N SER A 45 -11.13 1.37 17.85
CA SER A 45 -12.16 0.77 18.69
C SER A 45 -13.55 1.05 18.13
N GLY A 46 -14.43 0.06 18.22
CA GLY A 46 -15.78 0.21 17.72
C GLY A 46 -16.66 -0.99 18.02
ZN ZN B . -0.64 -1.13 3.40
N GLY A 1 3.44 12.94 -8.88
CA GLY A 1 3.04 12.54 -7.54
C GLY A 1 2.48 11.13 -7.49
N SER A 2 1.54 10.91 -6.59
CA SER A 2 0.93 9.60 -6.45
C SER A 2 0.29 9.14 -7.76
N SER A 3 1.03 8.31 -8.50
CA SER A 3 0.54 7.81 -9.78
C SER A 3 -0.97 7.57 -9.74
N GLY A 4 -1.65 7.94 -10.81
CA GLY A 4 -3.08 7.75 -10.88
C GLY A 4 -3.63 7.89 -12.29
N SER A 5 -3.67 9.12 -12.79
CA SER A 5 -4.17 9.38 -14.13
C SER A 5 -3.80 8.26 -15.08
N SER A 6 -4.63 8.05 -16.10
CA SER A 6 -4.38 7.00 -17.08
C SER A 6 -4.28 5.64 -16.40
N GLY A 7 -5.19 5.38 -15.48
CA GLY A 7 -5.18 4.11 -14.76
C GLY A 7 -6.26 3.17 -15.25
N THR A 8 -5.87 1.94 -15.58
CA THR A 8 -6.82 0.94 -16.07
C THR A 8 -8.00 0.78 -15.11
N GLY A 9 -7.71 0.82 -13.82
CA GLY A 9 -8.76 0.69 -12.82
C GLY A 9 -8.21 0.35 -11.44
N GLU A 10 -9.08 0.37 -10.44
CA GLU A 10 -8.68 0.06 -9.07
C GLU A 10 -8.52 -1.44 -8.88
N LYS A 11 -7.40 -1.83 -8.27
CA LYS A 11 -7.12 -3.23 -8.02
C LYS A 11 -8.18 -3.85 -7.12
N PRO A 12 -8.39 -5.17 -7.26
CA PRO A 12 -9.38 -5.90 -6.47
C PRO A 12 -8.96 -6.03 -5.00
N TYR A 13 -7.66 -5.92 -4.75
CA TYR A 13 -7.14 -6.03 -3.39
C TYR A 13 -6.46 -4.73 -2.96
N LYS A 14 -7.07 -4.04 -2.02
CA LYS A 14 -6.52 -2.79 -1.52
C LYS A 14 -6.29 -2.84 -0.01
N CYS A 15 -5.13 -2.37 0.42
CA CYS A 15 -4.80 -2.37 1.84
C CYS A 15 -5.84 -1.62 2.66
N GLN A 16 -5.64 -1.57 3.97
CA GLN A 16 -6.56 -0.87 4.86
C GLN A 16 -5.82 0.10 5.77
N VAL A 17 -4.57 -0.22 6.08
CA VAL A 17 -3.76 0.63 6.94
C VAL A 17 -3.23 1.84 6.19
N CYS A 18 -2.79 1.63 4.95
CA CYS A 18 -2.27 2.70 4.12
C CYS A 18 -3.20 2.97 2.94
N GLY A 19 -3.90 1.94 2.49
CA GLY A 19 -4.81 2.09 1.37
C GLY A 19 -4.18 1.73 0.05
N LYS A 20 -3.14 0.90 0.11
CA LYS A 20 -2.44 0.47 -1.10
C LYS A 20 -3.32 -0.43 -1.95
N ALA A 21 -2.81 -0.81 -3.13
CA ALA A 21 -3.56 -1.68 -4.03
C ALA A 21 -2.62 -2.50 -4.90
N PHE A 22 -3.04 -3.71 -5.25
CA PHE A 22 -2.23 -4.59 -6.08
C PHE A 22 -3.11 -5.55 -6.87
N ARG A 23 -2.99 -5.50 -8.19
CA ARG A 23 -3.77 -6.36 -9.07
C ARG A 23 -3.63 -7.82 -8.67
N VAL A 24 -2.56 -8.13 -7.94
CA VAL A 24 -2.31 -9.49 -7.49
C VAL A 24 -2.37 -9.59 -5.96
N SER A 25 -2.51 -10.82 -5.46
CA SER A 25 -2.59 -11.05 -4.03
C SER A 25 -1.19 -11.09 -3.41
N SER A 26 -0.33 -11.93 -3.97
CA SER A 26 1.04 -12.07 -3.46
C SER A 26 1.62 -10.71 -3.11
N HIS A 27 1.95 -9.93 -4.14
CA HIS A 27 2.52 -8.60 -3.93
C HIS A 27 1.87 -7.91 -2.73
N LEU A 28 0.55 -7.76 -2.80
CA LEU A 28 -0.19 -7.11 -1.72
C LEU A 28 0.12 -7.76 -0.38
N VAL A 29 0.24 -9.08 -0.37
CA VAL A 29 0.54 -9.82 0.85
C VAL A 29 1.90 -9.42 1.41
N GLN A 30 2.93 -9.47 0.56
CA GLN A 30 4.28 -9.11 0.97
C GLN A 30 4.34 -7.67 1.45
N HIS A 31 3.38 -6.86 1.00
CA HIS A 31 3.32 -5.46 1.40
C HIS A 31 2.63 -5.29 2.74
N HIS A 32 1.82 -6.28 3.11
CA HIS A 32 1.10 -6.24 4.38
C HIS A 32 2.06 -6.34 5.55
N SER A 33 3.35 -6.51 5.25
CA SER A 33 4.36 -6.62 6.29
C SER A 33 5.31 -5.43 6.26
N VAL A 34 4.92 -4.39 5.53
CA VAL A 34 5.74 -3.19 5.41
C VAL A 34 5.42 -2.20 6.52
N HIS A 35 4.27 -2.39 7.15
CA HIS A 35 3.83 -1.51 8.24
C HIS A 35 4.26 -2.08 9.60
N SER A 36 3.80 -3.29 9.90
CA SER A 36 4.14 -3.95 11.15
C SER A 36 5.63 -3.87 11.43
N GLY A 37 6.02 -3.04 12.39
CA GLY A 37 7.42 -2.88 12.73
C GLY A 37 7.72 -1.52 13.32
N GLU A 38 7.79 -0.50 12.47
CA GLU A 38 8.07 0.85 12.91
C GLU A 38 6.88 1.77 12.66
N ARG A 39 6.75 2.79 13.51
CA ARG A 39 5.64 3.74 13.40
C ARG A 39 5.34 4.04 11.93
N PRO A 40 4.05 3.99 11.57
CA PRO A 40 3.59 4.25 10.20
C PRO A 40 3.75 5.71 9.81
N SER A 41 4.21 5.94 8.58
CA SER A 41 4.41 7.30 8.09
C SER A 41 3.10 7.87 7.55
N GLY A 42 2.29 8.43 8.45
CA GLY A 42 1.02 9.01 8.04
C GLY A 42 1.16 9.98 6.89
N PRO A 43 1.78 11.14 7.16
CA PRO A 43 1.99 12.18 6.16
C PRO A 43 3.02 11.78 5.11
N SER A 44 2.55 11.19 4.02
CA SER A 44 3.44 10.75 2.95
C SER A 44 3.96 11.94 2.16
N SER A 45 3.05 12.80 1.72
CA SER A 45 3.42 13.98 0.94
C SER A 45 3.92 15.09 1.86
N GLY A 46 5.24 15.19 1.98
CA GLY A 46 5.84 16.22 2.82
C GLY A 46 7.35 16.15 2.83
ZN ZN B . -0.49 -1.13 3.35
N GLY A 1 5.43 12.25 -15.86
CA GLY A 1 5.92 10.97 -15.37
C GLY A 1 4.84 9.91 -15.34
N SER A 2 4.84 9.04 -16.34
CA SER A 2 3.85 7.98 -16.43
C SER A 2 4.19 7.01 -17.56
N SER A 3 3.71 5.77 -17.43
CA SER A 3 3.97 4.75 -18.44
C SER A 3 3.52 5.21 -19.81
N GLY A 4 2.22 5.49 -19.93
CA GLY A 4 1.67 5.93 -21.20
C GLY A 4 0.48 5.12 -21.64
N SER A 5 -0.49 4.95 -20.74
CA SER A 5 -1.69 4.19 -21.03
C SER A 5 -2.94 4.90 -20.53
N SER A 6 -4.09 4.49 -21.04
CA SER A 6 -5.37 5.10 -20.65
C SER A 6 -6.27 4.07 -19.98
N GLY A 7 -6.79 4.42 -18.81
CA GLY A 7 -7.66 3.51 -18.09
C GLY A 7 -6.94 2.28 -17.58
N THR A 8 -6.23 2.43 -16.46
CA THR A 8 -5.49 1.32 -15.88
C THR A 8 -6.39 0.44 -15.03
N GLY A 9 -7.65 0.86 -14.90
CA GLY A 9 -8.60 0.09 -14.11
C GLY A 9 -8.28 0.09 -12.63
N GLU A 10 -9.26 -0.23 -11.80
CA GLU A 10 -9.06 -0.27 -10.36
C GLU A 10 -8.80 -1.69 -9.87
N LYS A 11 -7.78 -1.85 -9.04
CA LYS A 11 -7.42 -3.16 -8.50
C LYS A 11 -8.49 -3.66 -7.54
N PRO A 12 -8.72 -4.98 -7.56
CA PRO A 12 -9.72 -5.62 -6.69
C PRO A 12 -9.31 -5.61 -5.22
N TYR A 13 -8.01 -5.76 -4.98
CA TYR A 13 -7.48 -5.77 -3.62
C TYR A 13 -6.93 -4.40 -3.24
N LYS A 14 -7.02 -4.07 -1.95
CA LYS A 14 -6.53 -2.79 -1.46
C LYS A 14 -6.31 -2.85 0.05
N CYS A 15 -5.16 -2.35 0.49
CA CYS A 15 -4.83 -2.34 1.92
C CYS A 15 -5.83 -1.51 2.70
N GLN A 16 -5.73 -1.56 4.03
CA GLN A 16 -6.63 -0.81 4.89
C GLN A 16 -5.85 0.13 5.81
N VAL A 17 -4.65 -0.31 6.20
CA VAL A 17 -3.80 0.50 7.08
C VAL A 17 -3.27 1.72 6.36
N CYS A 18 -2.89 1.56 5.10
CA CYS A 18 -2.37 2.65 4.30
C CYS A 18 -3.27 2.93 3.10
N GLY A 19 -3.98 1.91 2.65
CA GLY A 19 -4.88 2.07 1.53
C GLY A 19 -4.22 1.72 0.20
N LYS A 20 -3.15 0.94 0.27
CA LYS A 20 -2.43 0.53 -0.93
C LYS A 20 -3.31 -0.30 -1.85
N ALA A 21 -2.76 -0.74 -2.97
CA ALA A 21 -3.50 -1.56 -3.93
C ALA A 21 -2.56 -2.42 -4.76
N PHE A 22 -2.97 -3.66 -5.01
CA PHE A 22 -2.16 -4.59 -5.79
C PHE A 22 -3.05 -5.52 -6.61
N ARG A 23 -3.07 -5.32 -7.92
CA ARG A 23 -3.88 -6.14 -8.81
C ARG A 23 -3.73 -7.62 -8.45
N VAL A 24 -2.63 -7.95 -7.78
CA VAL A 24 -2.37 -9.34 -7.39
C VAL A 24 -2.43 -9.50 -5.88
N SER A 25 -2.50 -10.75 -5.42
CA SER A 25 -2.56 -11.03 -4.00
C SER A 25 -1.16 -11.14 -3.41
N SER A 26 -0.35 -12.04 -3.97
CA SER A 26 1.01 -12.24 -3.49
C SER A 26 1.64 -10.92 -3.08
N HIS A 27 1.90 -10.06 -4.07
CA HIS A 27 2.50 -8.76 -3.82
C HIS A 27 1.87 -8.09 -2.60
N LEU A 28 0.56 -7.87 -2.66
CA LEU A 28 -0.17 -7.24 -1.58
C LEU A 28 0.26 -7.83 -0.22
N VAL A 29 0.42 -9.15 -0.18
CA VAL A 29 0.83 -9.82 1.04
C VAL A 29 2.20 -9.33 1.50
N GLN A 30 3.19 -9.44 0.62
CA GLN A 30 4.55 -9.01 0.94
C GLN A 30 4.56 -7.57 1.46
N HIS A 31 3.55 -6.80 1.07
CA HIS A 31 3.44 -5.41 1.49
C HIS A 31 2.81 -5.31 2.87
N HIS A 32 2.00 -6.31 3.22
CA HIS A 32 1.35 -6.33 4.51
C HIS A 32 2.36 -6.47 5.65
N SER A 33 3.63 -6.63 5.28
CA SER A 33 4.69 -6.77 6.27
C SER A 33 5.60 -5.55 6.26
N VAL A 34 5.17 -4.51 5.56
CA VAL A 34 5.95 -3.28 5.47
C VAL A 34 5.62 -2.34 6.64
N HIS A 35 4.40 -2.44 7.14
CA HIS A 35 3.95 -1.60 8.25
C HIS A 35 4.48 -2.15 9.58
N SER A 36 4.15 -3.39 9.88
CA SER A 36 4.59 -4.02 11.12
C SER A 36 6.09 -4.25 11.10
N GLY A 37 6.85 -3.19 11.36
CA GLY A 37 8.30 -3.29 11.37
C GLY A 37 8.98 -1.94 11.44
N GLU A 38 9.85 -1.66 10.48
CA GLU A 38 10.57 -0.39 10.43
C GLU A 38 9.60 0.78 10.29
N ARG A 39 9.67 1.71 11.24
CA ARG A 39 8.80 2.88 11.22
C ARG A 39 8.82 3.56 9.85
N PRO A 40 7.64 3.98 9.38
CA PRO A 40 7.51 4.65 8.08
C PRO A 40 8.12 6.05 8.07
N SER A 41 8.31 6.60 6.88
CA SER A 41 8.89 7.92 6.74
C SER A 41 8.02 8.98 7.44
N GLY A 42 8.46 10.23 7.38
CA GLY A 42 7.71 11.31 8.00
C GLY A 42 8.59 12.49 8.36
N PRO A 43 8.89 13.34 7.36
CA PRO A 43 9.73 14.53 7.55
C PRO A 43 9.03 15.60 8.37
N SER A 44 9.76 16.66 8.69
CA SER A 44 9.21 17.76 9.48
C SER A 44 7.85 18.20 8.94
N SER A 45 6.96 18.56 9.86
CA SER A 45 5.62 19.00 9.46
C SER A 45 5.66 20.34 8.75
N GLY A 46 4.77 20.52 7.78
CA GLY A 46 4.73 21.76 7.04
C GLY A 46 4.17 22.92 7.86
ZN ZN B . -0.58 -1.16 3.57
N GLY A 1 -2.20 16.70 -0.26
CA GLY A 1 -3.07 15.78 -0.96
C GLY A 1 -3.73 16.40 -2.17
N SER A 2 -3.39 15.91 -3.35
CA SER A 2 -3.96 16.43 -4.59
C SER A 2 -4.74 15.35 -5.32
N SER A 3 -5.35 15.73 -6.44
CA SER A 3 -6.14 14.79 -7.24
C SER A 3 -5.48 13.42 -7.27
N GLY A 4 -6.28 12.38 -7.04
CA GLY A 4 -5.75 11.02 -7.05
C GLY A 4 -5.72 10.42 -8.43
N SER A 5 -5.69 9.09 -8.50
CA SER A 5 -5.65 8.40 -9.78
C SER A 5 -6.74 7.34 -9.85
N SER A 6 -7.16 7.01 -11.07
CA SER A 6 -8.21 6.02 -11.27
C SER A 6 -8.12 5.42 -12.67
N GLY A 7 -8.04 4.09 -12.74
CA GLY A 7 -7.96 3.42 -14.03
C GLY A 7 -9.13 2.51 -14.29
N THR A 8 -9.36 2.17 -15.55
CA THR A 8 -10.47 1.30 -15.93
C THR A 8 -10.25 -0.12 -15.41
N GLY A 9 -9.09 -0.36 -14.80
CA GLY A 9 -8.79 -1.66 -14.27
C GLY A 9 -8.49 -1.63 -12.79
N GLU A 10 -9.17 -0.75 -12.07
CA GLU A 10 -8.97 -0.62 -10.62
C GLU A 10 -8.69 -1.98 -9.99
N LYS A 11 -7.63 -2.03 -9.17
CA LYS A 11 -7.24 -3.27 -8.50
C LYS A 11 -8.30 -3.69 -7.48
N PRO A 12 -8.63 -4.99 -7.46
CA PRO A 12 -9.62 -5.54 -6.54
C PRO A 12 -9.13 -5.55 -5.10
N TYR A 13 -7.84 -5.79 -4.92
CA TYR A 13 -7.24 -5.83 -3.59
C TYR A 13 -6.71 -4.45 -3.19
N LYS A 14 -6.88 -4.11 -1.92
CA LYS A 14 -6.42 -2.82 -1.40
C LYS A 14 -6.21 -2.89 0.10
N CYS A 15 -5.09 -2.33 0.57
CA CYS A 15 -4.76 -2.32 1.98
C CYS A 15 -5.76 -1.49 2.76
N GLN A 16 -5.68 -1.56 4.09
CA GLN A 16 -6.58 -0.81 4.95
C GLN A 16 -5.81 0.14 5.86
N VAL A 17 -4.61 -0.27 6.26
CA VAL A 17 -3.77 0.55 7.12
C VAL A 17 -3.25 1.77 6.39
N CYS A 18 -2.85 1.58 5.14
CA CYS A 18 -2.32 2.67 4.32
C CYS A 18 -3.25 2.95 3.14
N GLY A 19 -3.98 1.93 2.70
CA GLY A 19 -4.88 2.09 1.58
C GLY A 19 -4.24 1.76 0.25
N LYS A 20 -3.18 0.98 0.29
CA LYS A 20 -2.46 0.58 -0.92
C LYS A 20 -3.36 -0.25 -1.83
N ALA A 21 -2.83 -0.66 -2.98
CA ALA A 21 -3.57 -1.46 -3.93
C ALA A 21 -2.64 -2.34 -4.76
N PHE A 22 -3.04 -3.60 -4.96
CA PHE A 22 -2.23 -4.54 -5.72
C PHE A 22 -3.13 -5.48 -6.53
N ARG A 23 -3.10 -5.33 -7.85
CA ARG A 23 -3.90 -6.17 -8.73
C ARG A 23 -3.73 -7.65 -8.39
N VAL A 24 -2.62 -7.98 -7.72
CA VAL A 24 -2.33 -9.35 -7.34
C VAL A 24 -2.37 -9.51 -5.83
N SER A 25 -2.68 -10.73 -5.38
CA SER A 25 -2.76 -11.02 -3.95
C SER A 25 -1.36 -11.16 -3.35
N SER A 26 -0.47 -11.80 -4.10
CA SER A 26 0.90 -12.02 -3.64
C SER A 26 1.53 -10.70 -3.21
N HIS A 27 1.80 -9.84 -4.18
CA HIS A 27 2.42 -8.53 -3.90
C HIS A 27 1.81 -7.90 -2.65
N LEU A 28 0.49 -7.76 -2.66
CA LEU A 28 -0.22 -7.17 -1.52
C LEU A 28 0.22 -7.82 -0.21
N VAL A 29 0.40 -9.13 -0.24
CA VAL A 29 0.83 -9.87 0.95
C VAL A 29 2.20 -9.39 1.44
N GLN A 30 3.18 -9.42 0.54
CA GLN A 30 4.52 -8.98 0.88
C GLN A 30 4.52 -7.56 1.42
N HIS A 31 3.53 -6.77 1.00
CA HIS A 31 3.42 -5.38 1.45
C HIS A 31 2.78 -5.32 2.82
N HIS A 32 1.98 -6.32 3.16
CA HIS A 32 1.30 -6.36 4.45
C HIS A 32 2.32 -6.49 5.59
N SER A 33 3.59 -6.66 5.22
CA SER A 33 4.65 -6.80 6.21
C SER A 33 5.56 -5.57 6.21
N VAL A 34 5.12 -4.52 5.54
CA VAL A 34 5.89 -3.28 5.46
C VAL A 34 5.51 -2.33 6.58
N HIS A 35 4.38 -2.60 7.23
CA HIS A 35 3.91 -1.76 8.33
C HIS A 35 4.36 -2.33 9.67
N SER A 36 4.15 -3.63 9.86
CA SER A 36 4.52 -4.29 11.10
C SER A 36 4.29 -3.37 12.30
N GLY A 37 3.13 -2.70 12.30
CA GLY A 37 2.82 -1.80 13.40
C GLY A 37 2.97 -0.34 13.01
N GLU A 38 3.51 0.46 13.93
CA GLU A 38 3.71 1.88 13.69
C GLU A 38 2.61 2.44 12.79
N ARG A 39 1.40 1.91 12.95
CA ARG A 39 0.27 2.35 12.16
C ARG A 39 -0.39 3.57 12.79
N PRO A 40 -0.87 4.50 11.94
CA PRO A 40 -1.53 5.73 12.40
C PRO A 40 -2.89 5.46 13.01
N SER A 41 -3.32 6.35 13.90
CA SER A 41 -4.61 6.21 14.58
C SER A 41 -5.58 7.30 14.11
N GLY A 42 -5.46 7.70 12.85
CA GLY A 42 -6.33 8.73 12.32
C GLY A 42 -6.30 10.01 13.14
N PRO A 43 -5.13 10.66 13.17
CA PRO A 43 -4.93 11.91 13.92
C PRO A 43 -5.69 13.08 13.29
N SER A 44 -6.34 12.82 12.16
CA SER A 44 -7.10 13.86 11.46
C SER A 44 -7.76 14.81 12.46
N SER A 45 -8.46 14.25 13.43
CA SER A 45 -9.15 15.05 14.44
C SER A 45 -8.18 15.53 15.51
N GLY A 46 -7.46 14.57 16.11
CA GLY A 46 -6.50 14.92 17.14
C GLY A 46 -5.78 16.22 16.86
ZN ZN B . -0.50 -1.16 3.64
N GLY A 1 11.89 16.75 -15.91
CA GLY A 1 10.43 16.83 -15.94
C GLY A 1 9.80 15.55 -16.46
N SER A 2 9.14 14.81 -15.56
CA SER A 2 8.49 13.57 -15.95
C SER A 2 7.22 13.36 -15.14
N SER A 3 6.15 12.94 -15.82
CA SER A 3 4.86 12.70 -15.17
C SER A 3 4.16 11.50 -15.79
N GLY A 4 3.01 11.15 -15.23
CA GLY A 4 2.25 10.02 -15.73
C GLY A 4 0.90 9.87 -15.05
N SER A 5 -0.02 9.17 -15.70
CA SER A 5 -1.35 8.95 -15.16
C SER A 5 -1.45 7.59 -14.48
N SER A 6 -1.64 7.59 -13.16
CA SER A 6 -1.74 6.36 -12.40
C SER A 6 -3.20 5.93 -12.25
N GLY A 7 -3.46 4.65 -12.50
CA GLY A 7 -4.81 4.14 -12.40
C GLY A 7 -5.13 3.13 -13.48
N THR A 8 -5.56 3.63 -14.63
CA THR A 8 -5.92 2.77 -15.76
C THR A 8 -6.64 1.51 -15.28
N GLY A 9 -7.54 1.68 -14.31
CA GLY A 9 -8.28 0.55 -13.78
C GLY A 9 -8.16 0.43 -12.28
N GLU A 10 -9.26 0.07 -11.62
CA GLU A 10 -9.26 -0.09 -10.17
C GLU A 10 -8.92 -1.52 -9.77
N LYS A 11 -7.97 -1.66 -8.86
CA LYS A 11 -7.54 -2.97 -8.39
C LYS A 11 -8.54 -3.54 -7.37
N PRO A 12 -8.73 -4.86 -7.40
CA PRO A 12 -9.64 -5.55 -6.49
C PRO A 12 -9.14 -5.55 -5.05
N TYR A 13 -7.84 -5.76 -4.88
CA TYR A 13 -7.23 -5.79 -3.55
C TYR A 13 -6.67 -4.42 -3.18
N LYS A 14 -6.95 -3.99 -1.96
CA LYS A 14 -6.48 -2.70 -1.48
C LYS A 14 -6.26 -2.72 0.03
N CYS A 15 -5.06 -2.34 0.46
CA CYS A 15 -4.73 -2.32 1.88
C CYS A 15 -5.74 -1.49 2.66
N GLN A 16 -5.67 -1.57 3.99
CA GLN A 16 -6.58 -0.83 4.85
C GLN A 16 -5.81 0.14 5.75
N VAL A 17 -4.60 -0.26 6.14
CA VAL A 17 -3.77 0.56 7.01
C VAL A 17 -3.26 1.79 6.26
N CYS A 18 -2.84 1.59 5.02
CA CYS A 18 -2.33 2.68 4.20
C CYS A 18 -3.26 2.97 3.03
N GLY A 19 -3.92 1.92 2.54
CA GLY A 19 -4.83 2.06 1.42
C GLY A 19 -4.19 1.72 0.10
N LYS A 20 -3.12 0.93 0.16
CA LYS A 20 -2.41 0.52 -1.05
C LYS A 20 -3.30 -0.33 -1.95
N ALA A 21 -2.76 -0.75 -3.08
CA ALA A 21 -3.50 -1.59 -4.02
C ALA A 21 -2.56 -2.49 -4.82
N PHE A 22 -2.98 -3.74 -5.01
CA PHE A 22 -2.18 -4.71 -5.76
C PHE A 22 -3.07 -5.68 -6.52
N ARG A 23 -3.13 -5.51 -7.84
CA ARG A 23 -3.94 -6.39 -8.68
C ARG A 23 -3.71 -7.85 -8.34
N VAL A 24 -2.58 -8.14 -7.68
CA VAL A 24 -2.24 -9.50 -7.30
C VAL A 24 -2.29 -9.66 -5.79
N SER A 25 -2.53 -10.89 -5.33
CA SER A 25 -2.60 -11.19 -3.92
C SER A 25 -1.20 -11.34 -3.32
N SER A 26 -0.32 -12.00 -4.06
CA SER A 26 1.05 -12.22 -3.60
C SER A 26 1.70 -10.89 -3.20
N HIS A 27 1.82 -9.99 -4.16
CA HIS A 27 2.43 -8.69 -3.91
C HIS A 27 1.84 -8.05 -2.66
N LEU A 28 0.52 -7.85 -2.66
CA LEU A 28 -0.16 -7.25 -1.52
C LEU A 28 0.33 -7.85 -0.21
N VAL A 29 0.54 -9.16 -0.21
CA VAL A 29 1.01 -9.86 0.98
C VAL A 29 2.37 -9.33 1.43
N GLN A 30 3.34 -9.38 0.52
CA GLN A 30 4.69 -8.92 0.82
C GLN A 30 4.66 -7.49 1.36
N HIS A 31 3.64 -6.74 0.97
CA HIS A 31 3.50 -5.35 1.41
C HIS A 31 2.79 -5.29 2.76
N HIS A 32 2.03 -6.33 3.08
CA HIS A 32 1.30 -6.39 4.34
C HIS A 32 2.26 -6.50 5.52
N SER A 33 3.55 -6.60 5.21
CA SER A 33 4.57 -6.71 6.24
C SER A 33 5.42 -5.44 6.32
N VAL A 34 5.00 -4.42 5.58
CA VAL A 34 5.71 -3.14 5.56
C VAL A 34 5.31 -2.27 6.74
N HIS A 35 4.16 -2.57 7.33
CA HIS A 35 3.66 -1.83 8.48
C HIS A 35 4.01 -2.53 9.79
N SER A 36 5.15 -3.22 9.80
CA SER A 36 5.59 -3.93 10.99
C SER A 36 7.09 -4.20 10.94
N GLY A 37 7.81 -3.71 11.95
CA GLY A 37 9.25 -3.90 12.01
C GLY A 37 9.99 -2.64 12.36
N GLU A 38 11.30 -2.74 12.52
CA GLU A 38 12.12 -1.60 12.87
C GLU A 38 13.10 -1.25 11.75
N ARG A 39 12.75 -0.25 10.95
CA ARG A 39 13.58 0.18 9.84
C ARG A 39 13.75 1.70 9.83
N PRO A 40 14.96 2.15 9.47
CA PRO A 40 15.28 3.59 9.42
C PRO A 40 14.56 4.30 8.28
N SER A 41 13.79 5.33 8.63
CA SER A 41 13.04 6.09 7.63
C SER A 41 13.97 7.01 6.85
N GLY A 42 14.55 7.99 7.55
CA GLY A 42 15.45 8.93 6.91
C GLY A 42 14.79 10.27 6.65
N PRO A 43 14.49 10.55 5.37
CA PRO A 43 13.85 11.81 4.96
C PRO A 43 12.41 11.91 5.42
N SER A 44 11.94 13.13 5.64
CA SER A 44 10.57 13.36 6.08
C SER A 44 9.78 14.13 5.03
N SER A 45 9.03 13.39 4.22
CA SER A 45 8.22 14.00 3.17
C SER A 45 7.56 15.28 3.66
N GLY A 46 7.96 16.40 3.06
CA GLY A 46 7.40 17.69 3.46
C GLY A 46 8.24 18.40 4.48
ZN ZN B . -0.47 -1.13 3.49
N GLY A 1 1.30 16.42 -16.38
CA GLY A 1 0.19 16.53 -17.30
C GLY A 1 -1.09 15.94 -16.74
N SER A 2 -1.80 16.73 -15.94
CA SER A 2 -3.04 16.27 -15.34
C SER A 2 -3.90 15.51 -16.35
N SER A 3 -4.06 16.10 -17.53
CA SER A 3 -4.85 15.48 -18.59
C SER A 3 -4.13 14.27 -19.17
N GLY A 4 -4.86 13.16 -19.28
CA GLY A 4 -4.28 11.95 -19.82
C GLY A 4 -4.72 10.71 -19.07
N SER A 5 -4.52 10.71 -17.75
CA SER A 5 -4.90 9.57 -16.92
C SER A 5 -6.40 9.37 -16.93
N SER A 6 -6.84 8.26 -17.50
CA SER A 6 -8.26 7.94 -17.58
C SER A 6 -8.58 6.65 -16.83
N GLY A 7 -7.99 6.51 -15.64
CA GLY A 7 -8.23 5.32 -14.83
C GLY A 7 -7.40 4.14 -15.29
N THR A 8 -6.17 4.05 -14.78
CA THR A 8 -5.28 2.96 -15.15
C THR A 8 -5.92 1.60 -14.87
N GLY A 9 -6.93 1.60 -14.01
CA GLY A 9 -7.61 0.36 -13.66
C GLY A 9 -7.75 0.17 -12.16
N GLU A 10 -8.96 -0.15 -11.72
CA GLU A 10 -9.22 -0.36 -10.30
C GLU A 10 -8.81 -1.77 -9.88
N LYS A 11 -7.99 -1.84 -8.83
CA LYS A 11 -7.53 -3.13 -8.31
C LYS A 11 -8.54 -3.73 -7.35
N PRO A 12 -8.72 -5.05 -7.41
CA PRO A 12 -9.65 -5.78 -6.54
C PRO A 12 -9.18 -5.81 -5.09
N TYR A 13 -7.87 -5.82 -4.90
CA TYR A 13 -7.30 -5.85 -3.56
C TYR A 13 -6.72 -4.49 -3.18
N LYS A 14 -6.98 -4.06 -1.94
CA LYS A 14 -6.49 -2.78 -1.46
C LYS A 14 -6.28 -2.81 0.05
N CYS A 15 -5.13 -2.34 0.50
CA CYS A 15 -4.82 -2.31 1.93
C CYS A 15 -5.86 -1.52 2.70
N GLN A 16 -5.74 -1.53 4.03
CA GLN A 16 -6.68 -0.81 4.88
C GLN A 16 -5.94 0.11 5.84
N VAL A 17 -4.69 -0.23 6.14
CA VAL A 17 -3.88 0.57 7.05
C VAL A 17 -3.31 1.79 6.34
N CYS A 18 -2.88 1.61 5.10
CA CYS A 18 -2.32 2.69 4.32
C CYS A 18 -3.22 3.03 3.13
N GLY A 19 -3.88 2.02 2.59
CA GLY A 19 -4.77 2.23 1.47
C GLY A 19 -4.13 1.84 0.14
N LYS A 20 -3.13 0.99 0.20
CA LYS A 20 -2.43 0.53 -1.00
C LYS A 20 -3.34 -0.32 -1.86
N ALA A 21 -2.86 -0.67 -3.05
CA ALA A 21 -3.64 -1.48 -3.98
C ALA A 21 -2.73 -2.30 -4.89
N PHE A 22 -2.98 -3.61 -4.95
CA PHE A 22 -2.18 -4.50 -5.77
C PHE A 22 -3.06 -5.47 -6.55
N ARG A 23 -3.10 -5.30 -7.87
CA ARG A 23 -3.91 -6.16 -8.73
C ARG A 23 -3.64 -7.64 -8.43
N VAL A 24 -2.53 -7.90 -7.76
CA VAL A 24 -2.16 -9.28 -7.41
C VAL A 24 -2.24 -9.50 -5.91
N SER A 25 -2.30 -10.77 -5.51
CA SER A 25 -2.39 -11.13 -4.10
C SER A 25 -1.00 -11.20 -3.47
N SER A 26 -0.14 -12.04 -4.05
CA SER A 26 1.22 -12.20 -3.54
C SER A 26 1.80 -10.86 -3.10
N HIS A 27 1.97 -9.96 -4.06
CA HIS A 27 2.52 -8.64 -3.77
C HIS A 27 1.85 -8.02 -2.54
N LEU A 28 0.56 -7.73 -2.67
CA LEU A 28 -0.21 -7.14 -1.58
C LEU A 28 0.18 -7.77 -0.24
N VAL A 29 0.27 -9.09 -0.22
CA VAL A 29 0.62 -9.82 0.99
C VAL A 29 2.00 -9.38 1.50
N GLN A 30 3.00 -9.49 0.65
CA GLN A 30 4.36 -9.11 1.01
C GLN A 30 4.41 -7.67 1.51
N HIS A 31 3.44 -6.87 1.07
CA HIS A 31 3.37 -5.47 1.49
C HIS A 31 2.71 -5.33 2.86
N HIS A 32 1.91 -6.33 3.22
CA HIS A 32 1.22 -6.31 4.51
C HIS A 32 2.22 -6.48 5.65
N SER A 33 3.48 -6.66 5.31
CA SER A 33 4.53 -6.84 6.31
C SER A 33 5.47 -5.64 6.33
N VAL A 34 5.20 -4.67 5.47
CA VAL A 34 6.02 -3.46 5.38
C VAL A 34 5.72 -2.50 6.52
N HIS A 35 4.46 -2.48 6.95
CA HIS A 35 4.04 -1.61 8.05
C HIS A 35 4.53 -2.14 9.39
N SER A 36 4.16 -3.37 9.71
CA SER A 36 4.57 -4.00 10.96
C SER A 36 5.96 -4.59 10.85
N GLY A 37 6.87 -4.12 11.70
CA GLY A 37 8.24 -4.61 11.68
C GLY A 37 9.11 -3.93 12.71
N GLU A 38 9.91 -2.97 12.26
CA GLU A 38 10.80 -2.24 13.16
C GLU A 38 10.55 -0.74 13.07
N ARG A 39 9.64 -0.34 12.19
CA ARG A 39 9.31 1.07 12.00
C ARG A 39 9.24 1.78 13.35
N PRO A 40 9.59 3.08 13.33
CA PRO A 40 9.56 3.91 14.55
C PRO A 40 8.15 4.19 15.04
N SER A 41 7.91 3.89 16.32
CA SER A 41 6.60 4.10 16.92
C SER A 41 6.02 5.44 16.49
N GLY A 42 4.72 5.63 16.72
CA GLY A 42 4.06 6.86 16.36
C GLY A 42 2.67 6.98 16.94
N PRO A 43 2.59 7.24 18.26
CA PRO A 43 1.31 7.37 18.96
C PRO A 43 0.56 8.65 18.56
N SER A 44 1.28 9.76 18.49
CA SER A 44 0.69 11.03 18.13
C SER A 44 1.76 12.06 17.79
N SER A 45 1.36 13.13 17.09
CA SER A 45 2.29 14.18 16.69
C SER A 45 3.58 13.57 16.15
N GLY A 46 3.46 12.48 15.41
CA GLY A 46 4.63 11.83 14.84
C GLY A 46 5.22 12.61 13.68
ZN ZN B . -0.51 -1.13 3.47
N GLY A 1 -7.37 21.38 -24.87
CA GLY A 1 -8.09 20.27 -24.27
C GLY A 1 -7.93 20.23 -22.76
N SER A 2 -8.85 19.54 -22.09
CA SER A 2 -8.81 19.43 -20.64
C SER A 2 -8.38 18.03 -20.22
N SER A 3 -8.08 17.88 -18.93
CA SER A 3 -7.64 16.59 -18.39
C SER A 3 -8.68 15.52 -18.66
N GLY A 4 -8.30 14.27 -18.41
CA GLY A 4 -9.21 13.16 -18.63
C GLY A 4 -8.94 12.00 -17.69
N SER A 5 -9.89 11.07 -17.60
CA SER A 5 -9.76 9.91 -16.74
C SER A 5 -8.51 9.10 -17.10
N SER A 6 -7.40 9.40 -16.43
CA SER A 6 -6.15 8.70 -16.69
C SER A 6 -6.02 7.46 -15.81
N GLY A 7 -5.44 6.40 -16.38
CA GLY A 7 -5.27 5.17 -15.64
C GLY A 7 -6.59 4.57 -15.18
N THR A 8 -7.46 4.25 -16.13
CA THR A 8 -8.76 3.68 -15.81
C THR A 8 -8.65 2.21 -15.46
N GLY A 9 -8.18 1.93 -14.24
CA GLY A 9 -8.03 0.55 -13.80
C GLY A 9 -8.00 0.42 -12.30
N GLU A 10 -9.12 0.02 -11.71
CA GLU A 10 -9.21 -0.15 -10.26
C GLU A 10 -8.86 -1.57 -9.85
N LYS A 11 -7.98 -1.70 -8.87
CA LYS A 11 -7.55 -3.00 -8.38
C LYS A 11 -8.56 -3.56 -7.38
N PRO A 12 -8.77 -4.88 -7.42
CA PRO A 12 -9.70 -5.56 -6.52
C PRO A 12 -9.21 -5.59 -5.07
N TYR A 13 -7.90 -5.78 -4.90
CA TYR A 13 -7.31 -5.82 -3.58
C TYR A 13 -6.74 -4.46 -3.19
N LYS A 14 -7.02 -4.04 -1.95
CA LYS A 14 -6.54 -2.76 -1.46
C LYS A 14 -6.31 -2.81 0.05
N CYS A 15 -5.14 -2.35 0.48
CA CYS A 15 -4.79 -2.36 1.90
C CYS A 15 -5.82 -1.57 2.71
N GLN A 16 -5.64 -1.53 4.02
CA GLN A 16 -6.55 -0.82 4.90
C GLN A 16 -5.78 0.13 5.82
N VAL A 17 -4.55 -0.23 6.15
CA VAL A 17 -3.71 0.58 7.02
C VAL A 17 -3.20 1.81 6.28
N CYS A 18 -2.83 1.63 5.02
CA CYS A 18 -2.32 2.72 4.20
C CYS A 18 -3.23 2.99 3.01
N GLY A 19 -3.93 1.95 2.56
CA GLY A 19 -4.83 2.09 1.43
C GLY A 19 -4.18 1.71 0.12
N LYS A 20 -3.12 0.92 0.19
CA LYS A 20 -2.40 0.49 -1.00
C LYS A 20 -3.29 -0.40 -1.87
N ALA A 21 -2.79 -0.73 -3.06
CA ALA A 21 -3.54 -1.57 -3.99
C ALA A 21 -2.60 -2.45 -4.81
N PHE A 22 -3.01 -3.70 -5.02
CA PHE A 22 -2.19 -4.64 -5.80
C PHE A 22 -3.08 -5.62 -6.57
N ARG A 23 -3.13 -5.45 -7.88
CA ARG A 23 -3.94 -6.32 -8.74
C ARG A 23 -3.71 -7.79 -8.38
N VAL A 24 -2.60 -8.07 -7.72
CA VAL A 24 -2.26 -9.43 -7.33
C VAL A 24 -2.32 -9.60 -5.82
N SER A 25 -2.48 -10.84 -5.37
CA SER A 25 -2.56 -11.15 -3.95
C SER A 25 -1.17 -11.39 -3.37
N SER A 26 -0.31 -12.02 -4.15
CA SER A 26 1.05 -12.31 -3.72
C SER A 26 1.77 -11.04 -3.28
N HIS A 27 1.80 -10.05 -4.17
CA HIS A 27 2.46 -8.79 -3.87
C HIS A 27 1.84 -8.13 -2.63
N LEU A 28 0.55 -7.85 -2.70
CA LEU A 28 -0.16 -7.23 -1.58
C LEU A 28 0.27 -7.83 -0.26
N VAL A 29 0.55 -9.13 -0.27
CA VAL A 29 0.98 -9.82 0.94
C VAL A 29 2.33 -9.30 1.43
N GLN A 30 3.33 -9.37 0.56
CA GLN A 30 4.67 -8.90 0.91
C GLN A 30 4.62 -7.47 1.43
N HIS A 31 3.60 -6.73 1.04
CA HIS A 31 3.43 -5.35 1.48
C HIS A 31 2.75 -5.28 2.84
N HIS A 32 2.01 -6.33 3.17
CA HIS A 32 1.29 -6.39 4.45
C HIS A 32 2.28 -6.51 5.61
N SER A 33 3.57 -6.58 5.28
CA SER A 33 4.60 -6.70 6.30
C SER A 33 5.45 -5.43 6.38
N VAL A 34 5.06 -4.43 5.59
CA VAL A 34 5.78 -3.16 5.56
C VAL A 34 5.41 -2.29 6.76
N HIS A 35 4.21 -2.50 7.28
CA HIS A 35 3.73 -1.73 8.43
C HIS A 35 4.11 -2.43 9.74
N SER A 36 5.25 -3.10 9.73
CA SER A 36 5.73 -3.82 10.91
C SER A 36 7.24 -3.99 10.86
N GLY A 37 7.94 -3.44 11.86
CA GLY A 37 9.38 -3.55 11.92
C GLY A 37 10.02 -2.39 12.63
N GLU A 38 9.55 -1.18 12.33
CA GLU A 38 10.10 0.02 12.96
C GLU A 38 9.21 0.49 14.11
N ARG A 39 9.64 1.53 14.80
CA ARG A 39 8.90 2.07 15.93
C ARG A 39 7.42 2.22 15.58
N PRO A 40 6.55 1.64 16.41
CA PRO A 40 5.10 1.69 16.22
C PRO A 40 4.53 3.09 16.45
N SER A 41 3.65 3.53 15.55
CA SER A 41 3.04 4.85 15.67
C SER A 41 2.80 5.22 17.13
N GLY A 42 2.20 4.29 17.88
CA GLY A 42 1.92 4.54 19.28
C GLY A 42 0.46 4.39 19.61
N PRO A 43 0.18 3.97 20.85
CA PRO A 43 -1.20 3.77 21.33
C PRO A 43 -1.95 5.10 21.50
N SER A 44 -3.19 5.14 21.04
CA SER A 44 -4.01 6.34 21.14
C SER A 44 -5.20 6.11 22.07
N SER A 45 -5.92 5.03 21.84
CA SER A 45 -7.09 4.70 22.65
C SER A 45 -7.90 5.95 22.97
N GLY A 46 -8.07 6.81 21.96
CA GLY A 46 -8.82 8.04 22.16
C GLY A 46 -8.02 9.12 22.85
ZN ZN B . -0.54 -1.07 3.49
N GLY A 1 8.86 14.89 -17.59
CA GLY A 1 8.98 13.70 -16.78
C GLY A 1 7.86 13.54 -15.77
N SER A 2 6.81 12.82 -16.17
CA SER A 2 5.67 12.60 -15.29
C SER A 2 5.64 11.17 -14.77
N SER A 3 5.96 11.00 -13.49
CA SER A 3 5.98 9.68 -12.87
C SER A 3 4.75 9.49 -11.99
N GLY A 4 3.60 9.91 -12.48
CA GLY A 4 2.37 9.78 -11.72
C GLY A 4 1.21 9.29 -12.58
N SER A 5 1.33 8.05 -13.07
CA SER A 5 0.30 7.47 -13.91
C SER A 5 -0.30 6.22 -13.26
N SER A 6 -0.54 6.30 -11.95
CA SER A 6 -1.09 5.19 -11.20
C SER A 6 -2.56 4.97 -11.57
N GLY A 7 -3.02 3.73 -11.41
CA GLY A 7 -4.39 3.41 -11.73
C GLY A 7 -4.51 2.42 -12.87
N THR A 8 -4.70 2.93 -14.09
CA THR A 8 -4.83 2.09 -15.26
C THR A 8 -5.65 0.84 -14.96
N GLY A 9 -6.70 1.00 -14.17
CA GLY A 9 -7.54 -0.13 -13.81
C GLY A 9 -7.60 -0.36 -12.32
N GLU A 10 -8.78 -0.18 -11.73
CA GLU A 10 -8.95 -0.37 -10.29
C GLU A 10 -8.64 -1.81 -9.90
N LYS A 11 -7.86 -1.97 -8.83
CA LYS A 11 -7.49 -3.28 -8.34
C LYS A 11 -8.52 -3.81 -7.35
N PRO A 12 -8.74 -5.13 -7.37
CA PRO A 12 -9.69 -5.79 -6.47
C PRO A 12 -9.22 -5.80 -5.02
N TYR A 13 -7.90 -5.88 -4.83
CA TYR A 13 -7.33 -5.89 -3.49
C TYR A 13 -6.77 -4.52 -3.12
N LYS A 14 -7.02 -4.10 -1.89
CA LYS A 14 -6.54 -2.81 -1.42
C LYS A 14 -6.33 -2.83 0.09
N CYS A 15 -5.17 -2.36 0.53
CA CYS A 15 -4.84 -2.33 1.95
C CYS A 15 -5.87 -1.51 2.73
N GLN A 16 -5.71 -1.47 4.05
CA GLN A 16 -6.63 -0.73 4.91
C GLN A 16 -5.86 0.25 5.80
N VAL A 17 -4.65 -0.12 6.16
CA VAL A 17 -3.81 0.72 7.02
C VAL A 17 -3.27 1.91 6.26
N CYS A 18 -2.88 1.68 5.00
CA CYS A 18 -2.34 2.74 4.17
C CYS A 18 -3.24 2.99 2.96
N GLY A 19 -3.98 1.97 2.56
CA GLY A 19 -4.89 2.10 1.42
C GLY A 19 -4.23 1.70 0.12
N LYS A 20 -3.16 0.92 0.21
CA LYS A 20 -2.43 0.46 -0.97
C LYS A 20 -3.33 -0.39 -1.86
N ALA A 21 -2.83 -0.75 -3.04
CA ALA A 21 -3.60 -1.56 -3.98
C ALA A 21 -2.67 -2.37 -4.88
N PHE A 22 -2.95 -3.66 -5.00
CA PHE A 22 -2.15 -4.55 -5.83
C PHE A 22 -3.03 -5.53 -6.60
N ARG A 23 -3.11 -5.33 -7.91
CA ARG A 23 -3.93 -6.20 -8.76
C ARG A 23 -3.72 -7.67 -8.39
N VAL A 24 -2.58 -7.97 -7.79
CA VAL A 24 -2.27 -9.34 -7.39
C VAL A 24 -2.33 -9.49 -5.87
N SER A 25 -2.56 -10.70 -5.41
CA SER A 25 -2.64 -10.98 -3.97
C SER A 25 -1.25 -11.07 -3.36
N SER A 26 -0.35 -11.75 -4.06
CA SER A 26 1.02 -11.93 -3.57
C SER A 26 1.63 -10.58 -3.18
N HIS A 27 1.91 -9.75 -4.17
CA HIS A 27 2.49 -8.43 -3.92
C HIS A 27 1.87 -7.78 -2.69
N LEU A 28 0.55 -7.71 -2.67
CA LEU A 28 -0.16 -7.11 -1.55
C LEU A 28 0.21 -7.79 -0.23
N VAL A 29 0.42 -9.10 -0.30
CA VAL A 29 0.79 -9.88 0.88
C VAL A 29 2.15 -9.45 1.42
N GLN A 30 3.15 -9.47 0.55
CA GLN A 30 4.51 -9.07 0.93
C GLN A 30 4.53 -7.64 1.47
N HIS A 31 3.56 -6.84 1.04
CA HIS A 31 3.46 -5.45 1.48
C HIS A 31 2.80 -5.36 2.85
N HIS A 32 2.02 -6.38 3.20
CA HIS A 32 1.33 -6.41 4.49
C HIS A 32 2.33 -6.58 5.62
N SER A 33 3.60 -6.71 5.28
CA SER A 33 4.65 -6.90 6.28
C SER A 33 5.56 -5.68 6.34
N VAL A 34 5.20 -4.64 5.59
CA VAL A 34 5.97 -3.41 5.55
C VAL A 34 5.58 -2.48 6.69
N HIS A 35 4.33 -2.61 7.16
CA HIS A 35 3.83 -1.78 8.25
C HIS A 35 4.31 -2.31 9.59
N SER A 36 4.12 -3.60 9.83
CA SER A 36 4.53 -4.22 11.08
C SER A 36 6.01 -3.99 11.33
N GLY A 37 6.36 -3.79 12.61
CA GLY A 37 7.75 -3.57 12.97
C GLY A 37 7.93 -3.33 14.46
N GLU A 38 8.17 -4.41 15.20
CA GLU A 38 8.36 -4.31 16.64
C GLU A 38 9.41 -3.26 16.98
N ARG A 39 9.00 -2.20 17.66
CA ARG A 39 9.90 -1.13 18.04
C ARG A 39 11.01 -1.67 18.96
N PRO A 40 12.24 -1.18 18.73
CA PRO A 40 13.40 -1.59 19.53
C PRO A 40 13.35 -1.06 20.96
N SER A 41 12.26 -0.37 21.29
CA SER A 41 12.08 0.19 22.62
C SER A 41 11.72 -0.90 23.62
N GLY A 42 12.58 -1.92 23.72
CA GLY A 42 12.34 -3.01 24.64
C GLY A 42 10.92 -3.54 24.55
N PRO A 43 10.73 -4.61 23.77
CA PRO A 43 9.43 -5.23 23.59
C PRO A 43 8.94 -5.95 24.84
N SER A 44 7.76 -5.57 25.32
CA SER A 44 7.19 -6.17 26.51
C SER A 44 6.68 -7.59 26.22
N SER A 45 6.79 -8.45 27.22
CA SER A 45 6.35 -9.84 27.07
C SER A 45 6.14 -10.49 28.44
N GLY A 46 5.44 -11.63 28.44
CA GLY A 46 5.17 -12.33 29.69
C GLY A 46 5.80 -13.71 29.72
ZN ZN B . -0.54 -1.12 3.49
N GLY A 1 10.68 13.03 -19.09
CA GLY A 1 9.88 12.17 -18.22
C GLY A 1 8.48 11.95 -18.75
N SER A 2 8.13 10.69 -18.98
CA SER A 2 6.81 10.35 -19.51
C SER A 2 5.92 9.80 -18.39
N SER A 3 4.76 10.44 -18.21
CA SER A 3 3.83 10.03 -17.18
C SER A 3 2.87 8.96 -17.70
N GLY A 4 3.28 7.70 -17.59
CA GLY A 4 2.46 6.61 -18.06
C GLY A 4 1.39 6.22 -17.06
N SER A 5 0.13 6.25 -17.51
CA SER A 5 -1.00 5.91 -16.65
C SER A 5 -0.76 4.58 -15.94
N SER A 6 -1.15 4.51 -14.68
CA SER A 6 -0.97 3.30 -13.88
C SER A 6 -2.14 2.33 -14.09
N GLY A 7 -2.44 2.06 -15.35
CA GLY A 7 -3.53 1.15 -15.66
C GLY A 7 -4.88 1.83 -15.64
N THR A 8 -5.82 1.33 -16.44
CA THR A 8 -7.15 1.90 -16.51
C THR A 8 -8.18 0.98 -15.86
N GLY A 9 -7.80 0.38 -14.73
CA GLY A 9 -8.70 -0.51 -14.03
C GLY A 9 -8.40 -0.58 -12.54
N GLU A 10 -9.38 -0.20 -11.73
CA GLU A 10 -9.22 -0.21 -10.28
C GLU A 10 -8.91 -1.62 -9.79
N LYS A 11 -7.79 -1.76 -9.08
CA LYS A 11 -7.38 -3.05 -8.55
C LYS A 11 -8.41 -3.58 -7.55
N PRO A 12 -8.65 -4.91 -7.58
CA PRO A 12 -9.60 -5.57 -6.69
C PRO A 12 -9.12 -5.59 -5.24
N TYR A 13 -7.83 -5.80 -5.05
CA TYR A 13 -7.24 -5.83 -3.71
C TYR A 13 -6.75 -4.46 -3.29
N LYS A 14 -6.91 -4.14 -2.01
CA LYS A 14 -6.47 -2.85 -1.49
C LYS A 14 -6.24 -2.94 0.02
N CYS A 15 -5.11 -2.41 0.47
CA CYS A 15 -4.76 -2.42 1.88
C CYS A 15 -5.83 -1.69 2.71
N GLN A 16 -5.64 -1.66 4.02
CA GLN A 16 -6.57 -1.00 4.93
C GLN A 16 -5.85 -0.05 5.85
N VAL A 17 -4.60 -0.37 6.19
CA VAL A 17 -3.80 0.47 7.07
C VAL A 17 -3.30 1.71 6.34
N CYS A 18 -2.83 1.53 5.11
CA CYS A 18 -2.32 2.64 4.32
C CYS A 18 -3.26 2.94 3.15
N GLY A 19 -3.93 1.91 2.66
CA GLY A 19 -4.85 2.08 1.55
C GLY A 19 -4.20 1.76 0.21
N LYS A 20 -3.16 0.94 0.24
CA LYS A 20 -2.46 0.56 -0.97
C LYS A 20 -3.35 -0.28 -1.88
N ALA A 21 -2.79 -0.73 -3.00
CA ALA A 21 -3.54 -1.55 -3.95
C ALA A 21 -2.61 -2.41 -4.80
N PHE A 22 -2.99 -3.66 -5.02
CA PHE A 22 -2.19 -4.58 -5.80
C PHE A 22 -3.07 -5.55 -6.58
N ARG A 23 -3.07 -5.42 -7.91
CA ARG A 23 -3.87 -6.28 -8.77
C ARG A 23 -3.66 -7.75 -8.41
N VAL A 24 -2.56 -8.03 -7.72
CA VAL A 24 -2.24 -9.40 -7.32
C VAL A 24 -2.25 -9.55 -5.80
N SER A 25 -2.62 -10.74 -5.34
CA SER A 25 -2.67 -11.01 -3.90
C SER A 25 -1.27 -11.07 -3.31
N SER A 26 -0.43 -11.91 -3.90
CA SER A 26 0.95 -12.08 -3.42
C SER A 26 1.56 -10.72 -3.06
N HIS A 27 1.91 -9.94 -4.08
CA HIS A 27 2.51 -8.63 -3.87
C HIS A 27 1.91 -7.95 -2.64
N LEU A 28 0.59 -7.78 -2.65
CA LEU A 28 -0.11 -7.14 -1.54
C LEU A 28 0.27 -7.80 -0.22
N VAL A 29 0.31 -9.13 -0.21
CA VAL A 29 0.65 -9.88 0.98
C VAL A 29 2.02 -9.47 1.52
N GLN A 30 3.02 -9.46 0.64
CA GLN A 30 4.37 -9.08 1.04
C GLN A 30 4.41 -7.64 1.53
N HIS A 31 3.47 -6.83 1.07
CA HIS A 31 3.40 -5.43 1.46
C HIS A 31 2.75 -5.29 2.83
N HIS A 32 1.98 -6.30 3.23
CA HIS A 32 1.30 -6.28 4.52
C HIS A 32 2.31 -6.44 5.66
N SER A 33 3.58 -6.58 5.31
CA SER A 33 4.63 -6.74 6.29
C SER A 33 5.57 -5.53 6.29
N VAL A 34 5.21 -4.51 5.53
CA VAL A 34 6.01 -3.30 5.43
C VAL A 34 5.67 -2.32 6.55
N HIS A 35 4.44 -2.40 7.04
CA HIS A 35 3.98 -1.52 8.11
C HIS A 35 4.49 -2.01 9.47
N SER A 36 4.38 -3.32 9.69
CA SER A 36 4.81 -3.92 10.95
C SER A 36 6.34 -3.93 11.04
N GLY A 37 6.89 -2.88 11.65
CA GLY A 37 8.34 -2.79 11.79
C GLY A 37 8.78 -1.43 12.28
N GLU A 38 10.06 -1.12 12.11
CA GLU A 38 10.61 0.16 12.55
C GLU A 38 11.45 0.80 11.45
N ARG A 39 11.88 2.03 11.68
CA ARG A 39 12.69 2.75 10.71
C ARG A 39 13.72 3.64 11.40
N PRO A 40 14.91 3.74 10.80
CA PRO A 40 16.01 4.56 11.35
C PRO A 40 15.72 6.05 11.25
N SER A 41 15.67 6.71 12.41
CA SER A 41 15.40 8.15 12.44
C SER A 41 15.83 8.73 13.79
N GLY A 42 16.66 9.77 13.74
CA GLY A 42 17.13 10.41 14.94
C GLY A 42 16.50 11.77 15.17
N PRO A 43 15.53 11.84 16.09
CA PRO A 43 14.83 13.08 16.42
C PRO A 43 15.73 14.08 17.14
N SER A 44 16.11 15.14 16.45
CA SER A 44 16.97 16.17 17.02
C SER A 44 16.15 17.40 17.40
N SER A 45 16.04 17.66 18.70
CA SER A 45 15.29 18.80 19.21
C SER A 45 16.23 19.81 19.86
N GLY A 46 17.10 19.33 20.73
CA GLY A 46 18.04 20.21 21.42
C GLY A 46 18.67 21.22 20.49
ZN ZN B . -0.50 -1.12 3.41
#